data_4ZHH
#
_entry.id   4ZHH
#
_cell.length_a   110.683
_cell.length_b   115.320
_cell.length_c   120.517
_cell.angle_alpha   90.000
_cell.angle_beta   90.000
_cell.angle_gamma   90.000
#
_symmetry.space_group_name_H-M   'P 21 21 21'
#
loop_
_entity.id
_entity.type
_entity.pdbx_description
1 polymer 'Neutrophil gelatinase-associated lipocalin'
2 non-polymer 'SAMARIUM (III) ION'
3 non-polymer "N,N'-butane-1,4-diylbis[1-hydroxy-N-(3-{[(1-hydroxy-6-oxo-1,6-dihydropyridin-2-yl)carbonyl]amino}propyl)-6-oxo-1,6-dihydropyridine-2-carboxamide]"
4 non-polymer 'SULFATE ION'
5 non-polymer GLYCEROL
6 non-polymer 'CHLORIDE ION'
7 water water
#
_entity_poly.entity_id   1
_entity_poly.type   'polypeptide(L)'
_entity_poly.pdbx_seq_one_letter_code
;GSQDSTSDLIPAPPLSKVPLQQNFQDNQFQGKWYVVGLAGNAILREDKDPQKMYATIYELKEDKSYNVTSVLFRKKKCDY
WIRTFVPGSQPGEFTLGNIKSYPGLTSYLVRVVSTNYNQHAMVFFKKVSQNREYFKITLYGRTKELTSELKENFIRFSKS
LGLPENHIVFPVPIDQCIDG
;
_entity_poly.pdbx_strand_id   A,B,C,D,E,F
#
# COMPACT_ATOMS: atom_id res chain seq x y z
N ASP A 4 30.22 49.27 16.64
CA ASP A 4 31.18 49.37 17.78
C ASP A 4 31.46 47.98 18.34
N SER A 5 32.74 47.64 18.44
CA SER A 5 33.13 46.35 19.00
C SER A 5 34.64 46.25 19.33
N THR A 6 34.95 45.20 20.08
CA THR A 6 36.32 44.79 20.31
C THR A 6 36.35 43.30 20.06
N SER A 7 37.40 42.84 19.42
CA SER A 7 37.63 41.42 19.33
C SER A 7 39.13 41.14 19.21
N ASP A 8 39.49 39.93 19.59
CA ASP A 8 40.89 39.54 19.63
C ASP A 8 40.98 38.25 18.85
N LEU A 9 41.80 38.23 17.82
CA LEU A 9 41.87 37.10 16.93
C LEU A 9 43.29 36.53 16.81
N ILE A 10 43.37 35.22 16.69
CA ILE A 10 44.60 34.57 16.27
C ILE A 10 44.93 35.05 14.86
N PRO A 11 46.17 35.48 14.63
CA PRO A 11 46.53 36.06 13.33
C PRO A 11 46.41 35.03 12.20
N ALA A 12 45.97 35.47 11.03
CA ALA A 12 45.99 34.64 9.85
C ALA A 12 47.41 34.19 9.55
N PRO A 13 47.59 32.95 9.10
CA PRO A 13 48.91 32.48 8.73
C PRO A 13 49.34 33.13 7.42
N PRO A 14 50.64 33.19 7.16
CA PRO A 14 51.06 33.51 5.80
C PRO A 14 50.62 32.45 4.79
N LEU A 15 50.31 32.89 3.58
CA LEU A 15 49.81 32.01 2.54
C LEU A 15 50.82 30.94 2.14
N SER A 16 52.09 31.23 2.37
CA SER A 16 53.14 30.25 2.15
C SER A 16 52.95 28.99 3.00
N LYS A 17 52.19 29.07 4.08
CA LYS A 17 51.95 27.90 4.90
C LYS A 17 50.71 27.14 4.42
N VAL A 18 50.04 27.64 3.40
CA VAL A 18 48.81 27.02 2.95
C VAL A 18 49.01 26.37 1.57
N PRO A 19 49.13 25.03 1.51
CA PRO A 19 49.38 24.37 0.23
C PRO A 19 48.23 24.52 -0.74
N LEU A 20 48.53 24.38 -2.02
CA LEU A 20 47.52 24.32 -3.06
C LEU A 20 47.50 22.93 -3.66
N GLN A 21 46.31 22.35 -3.83
CA GLN A 21 46.21 21.04 -4.49
C GLN A 21 46.79 21.09 -5.91
N GLN A 22 47.79 20.25 -6.17
CA GLN A 22 48.43 20.19 -7.50
C GLN A 22 47.43 19.74 -8.57
N ASN A 23 47.56 20.31 -9.77
CA ASN A 23 46.76 19.91 -10.92
C ASN A 23 45.25 19.91 -10.57
N PHE A 24 44.77 20.97 -9.96
CA PHE A 24 43.37 21.02 -9.50
C PHE A 24 42.44 20.84 -10.69
N GLN A 25 41.42 20.01 -10.52
CA GLN A 25 40.49 19.63 -11.58
C GLN A 25 39.09 20.18 -11.28
N ASP A 26 38.76 21.33 -11.87
CA ASP A 26 37.58 22.05 -11.42
C ASP A 26 36.30 21.30 -11.68
N ASN A 27 36.25 20.51 -12.74
CA ASN A 27 35.07 19.70 -13.04
C ASN A 27 34.83 18.60 -11.98
N GLN A 28 35.90 18.02 -11.48
CA GLN A 28 35.80 16.86 -10.56
C GLN A 28 35.44 17.31 -9.15
N PHE A 29 35.66 18.59 -8.86
CA PHE A 29 35.36 19.12 -7.54
C PHE A 29 33.86 19.43 -7.36
N GLN A 30 33.11 19.41 -8.45
CA GLN A 30 31.70 19.77 -8.42
C GLN A 30 30.86 18.82 -7.59
N GLY A 31 29.67 19.28 -7.27
CA GLY A 31 28.66 18.46 -6.62
C GLY A 31 28.59 18.80 -5.15
N LYS A 32 28.06 17.86 -4.38
CA LYS A 32 27.75 18.12 -2.97
C LYS A 32 28.89 17.63 -2.06
N TRP A 33 29.24 18.48 -1.11
CA TRP A 33 30.20 18.17 -0.06
C TRP A 33 29.57 18.45 1.30
N TYR A 34 29.81 17.59 2.27
CA TYR A 34 29.40 17.84 3.65
C TYR A 34 30.53 18.48 4.40
N VAL A 35 30.18 19.41 5.28
CA VAL A 35 31.18 20.02 6.14
C VAL A 35 31.35 19.14 7.38
N VAL A 36 32.40 18.35 7.37
CA VAL A 36 32.67 17.37 8.40
C VAL A 36 33.58 17.92 9.49
N GLY A 37 34.33 18.96 9.15
CA GLY A 37 35.22 19.59 10.13
C GLY A 37 35.38 21.06 9.81
N LEU A 38 35.53 21.87 10.86
CA LEU A 38 35.81 23.29 10.74
C LEU A 38 36.86 23.72 11.76
N ALA A 39 37.78 24.55 11.32
CA ALA A 39 38.78 25.12 12.21
C ALA A 39 39.02 26.55 11.79
N GLY A 40 39.19 27.44 12.74
CA GLY A 40 39.50 28.82 12.39
C GLY A 40 39.56 29.74 13.58
N ASN A 41 39.94 30.99 13.33
CA ASN A 41 40.13 31.92 14.40
C ASN A 41 38.80 32.49 14.92
N ALA A 42 37.71 32.18 14.25
CA ALA A 42 36.39 32.47 14.83
C ALA A 42 35.59 31.18 15.03
N ILE A 43 36.27 30.05 15.05
CA ILE A 43 35.63 28.80 15.44
C ILE A 43 35.98 28.52 16.89
N LEU A 44 34.97 28.21 17.69
CA LEU A 44 35.20 27.90 19.10
C LEU A 44 34.34 26.73 19.51
N ARG A 45 34.98 25.68 20.02
CA ARG A 45 34.30 24.47 20.44
C ARG A 45 33.40 24.77 21.65
N GLU A 46 32.10 24.56 21.48
CA GLU A 46 31.11 24.86 22.53
C GLU A 46 30.20 23.65 22.82
N ASP A 47 30.48 22.97 23.94
CA ASP A 47 29.62 21.87 24.41
C ASP A 47 28.13 22.24 24.39
N LYS A 48 27.82 23.49 24.70
CA LYS A 48 26.46 24.02 24.59
C LYS A 48 26.14 24.44 23.14
N ASP A 49 25.03 23.91 22.63
CA ASP A 49 24.62 24.09 21.23
C ASP A 49 25.73 23.77 20.23
N PRO A 50 25.99 22.47 20.03
CA PRO A 50 27.03 22.01 19.10
C PRO A 50 26.70 22.38 17.65
N GLN A 51 27.72 22.68 16.89
CA GLN A 51 27.57 23.04 15.48
C GLN A 51 26.95 21.87 14.68
N LYS A 52 25.90 22.14 13.92
CA LYS A 52 25.26 21.12 13.09
C LYS A 52 25.93 21.09 11.73
N MET A 53 26.05 19.90 11.18
CA MET A 53 26.59 19.72 9.86
C MET A 53 25.74 20.50 8.85
N TYR A 54 26.39 21.08 7.86
CA TYR A 54 25.68 21.57 6.69
C TYR A 54 26.37 21.07 5.46
N ALA A 55 25.79 21.35 4.29
CA ALA A 55 26.32 20.87 3.03
C ALA A 55 26.52 22.04 2.10
N THR A 56 27.48 21.88 1.19
CA THR A 56 27.80 22.89 0.22
C THR A 56 27.93 22.27 -1.17
N ILE A 57 27.23 22.84 -2.13
CA ILE A 57 27.17 22.35 -3.51
C ILE A 57 27.90 23.31 -4.47
N TYR A 58 28.84 22.75 -5.21
CA TYR A 58 29.66 23.50 -6.15
C TYR A 58 29.21 23.16 -7.55
N GLU A 59 28.79 24.16 -8.30
CA GLU A 59 28.43 23.94 -9.70
C GLU A 59 29.30 24.80 -10.57
N LEU A 60 29.97 24.18 -11.54
CA LEU A 60 30.90 24.87 -12.41
C LEU A 60 30.14 25.50 -13.52
N LYS A 61 30.27 26.81 -13.67
CA LYS A 61 29.55 27.49 -14.73
C LYS A 61 30.33 27.49 -16.04
N GLU A 62 29.64 27.93 -17.08
CA GLU A 62 30.23 28.09 -18.40
C GLU A 62 31.55 28.84 -18.34
N ASP A 63 31.58 29.95 -17.63
CA ASP A 63 32.79 30.78 -17.54
C ASP A 63 33.82 30.28 -16.53
N LYS A 64 33.57 29.11 -15.95
CA LYS A 64 34.52 28.46 -15.04
C LYS A 64 34.57 29.04 -13.63
N SER A 65 33.72 30.01 -13.36
CA SER A 65 33.37 30.30 -11.97
C SER A 65 32.52 29.18 -11.37
N TYR A 66 32.45 29.09 -10.04
CA TYR A 66 31.49 28.23 -9.35
C TYR A 66 30.33 29.02 -8.80
N ASN A 67 29.12 28.52 -9.04
CA ASN A 67 28.00 28.83 -8.17
CA ASN A 67 28.01 28.83 -8.18
C ASN A 67 28.09 27.91 -6.97
N VAL A 68 28.11 28.48 -5.79
CA VAL A 68 28.33 27.73 -4.56
C VAL A 68 27.15 27.94 -3.61
N THR A 69 26.46 26.85 -3.27
CA THR A 69 25.25 26.95 -2.45
C THR A 69 25.44 26.12 -1.19
N SER A 70 25.33 26.78 -0.04
CA SER A 70 25.32 26.04 1.21
C SER A 70 23.90 25.91 1.72
N VAL A 71 23.60 24.75 2.26
CA VAL A 71 22.31 24.45 2.83
C VAL A 71 22.47 24.13 4.32
N LEU A 72 21.80 24.91 5.15
CA LEU A 72 21.90 24.78 6.60
C LEU A 72 20.52 24.55 7.19
N PHE A 73 20.45 23.82 8.28
CA PHE A 73 19.21 23.65 9.02
C PHE A 73 19.23 24.63 10.17
N ARG A 74 18.37 25.64 10.10
CA ARG A 74 18.29 26.62 11.16
C ARG A 74 16.85 27.02 11.43
N LYS A 75 16.54 27.08 12.71
CA LYS A 75 15.21 27.41 13.19
C LYS A 75 14.17 26.57 12.48
N LYS A 76 14.42 25.27 12.42
CA LYS A 76 13.46 24.31 11.91
C LYS A 76 13.23 24.38 10.39
N LYS A 77 14.05 25.17 9.68
CA LYS A 77 13.95 25.30 8.23
C LYS A 77 15.27 25.14 7.52
N CYS A 78 15.21 24.89 6.21
CA CYS A 78 16.39 24.86 5.38
C CYS A 78 16.71 26.29 4.90
N ASP A 79 17.93 26.72 5.16
CA ASP A 79 18.41 28.04 4.84
C ASP A 79 19.47 27.87 3.75
N TYR A 80 19.38 28.64 2.68
CA TYR A 80 20.26 28.43 1.51
C TYR A 80 21.10 29.68 1.27
N TRP A 81 22.44 29.58 1.35
CA TRP A 81 23.34 30.71 1.04
C TRP A 81 24.10 30.50 -0.28
N ILE A 82 23.86 31.39 -1.23
CA ILE A 82 24.34 31.25 -2.59
C ILE A 82 25.36 32.37 -2.85
N ARG A 83 26.53 31.99 -3.33
CA ARG A 83 27.54 32.95 -3.75
C ARG A 83 28.37 32.40 -4.91
N THR A 84 29.26 33.24 -5.44
CA THR A 84 30.10 32.87 -6.58
C THR A 84 31.57 32.86 -6.18
N PHE A 85 32.28 31.82 -6.58
CA PHE A 85 33.74 31.76 -6.49
C PHE A 85 34.33 31.96 -7.89
N VAL A 86 35.12 33.02 -8.03
CA VAL A 86 35.71 33.42 -9.29
C VAL A 86 37.16 32.92 -9.30
N PRO A 87 37.60 32.33 -10.42
CA PRO A 87 38.97 31.79 -10.47
C PRO A 87 40.00 32.86 -10.15
N GLY A 88 40.97 32.49 -9.34
CA GLY A 88 42.02 33.40 -8.90
C GLY A 88 43.37 33.12 -9.52
N SER A 89 44.44 33.35 -8.77
CA SER A 89 45.76 33.52 -9.37
C SER A 89 46.31 32.16 -9.86
N GLN A 90 45.74 31.06 -9.41
CA GLN A 90 46.21 29.73 -9.82
C GLN A 90 45.13 28.69 -9.66
N PRO A 91 45.24 27.55 -10.36
CA PRO A 91 44.11 26.61 -10.34
C PRO A 91 43.87 26.11 -8.94
N GLY A 92 42.62 26.14 -8.50
CA GLY A 92 42.28 25.76 -7.15
C GLY A 92 42.21 26.92 -6.19
N GLU A 93 42.56 28.12 -6.66
CA GLU A 93 42.39 29.33 -5.88
C GLU A 93 41.27 30.20 -6.46
N PHE A 94 40.50 30.87 -5.58
CA PHE A 94 39.32 31.65 -6.00
C PHE A 94 39.23 32.89 -5.13
N THR A 95 38.54 33.89 -5.61
CA THR A 95 37.99 34.95 -4.76
C THR A 95 36.47 34.98 -4.85
N LEU A 96 35.83 35.67 -3.91
CA LEU A 96 34.37 35.80 -3.89
C LEU A 96 33.98 36.76 -4.99
N GLY A 97 32.99 36.38 -5.79
CA GLY A 97 32.40 37.32 -6.74
C GLY A 97 31.57 38.39 -6.06
N ASN A 98 31.50 39.56 -6.69
CA ASN A 98 30.59 40.63 -6.26
C ASN A 98 30.88 41.08 -4.82
N ILE A 99 32.14 41.25 -4.50
CA ILE A 99 32.55 41.62 -3.15
C ILE A 99 31.86 42.92 -2.73
N LYS A 100 31.61 43.81 -3.68
CA LYS A 100 30.99 45.11 -3.39
C LYS A 100 29.62 44.97 -2.74
N SER A 101 28.97 43.84 -2.96
CA SER A 101 27.60 43.66 -2.53
C SER A 101 27.55 43.26 -1.06
N TYR A 102 28.70 43.03 -0.45
CA TYR A 102 28.74 42.59 0.93
C TYR A 102 29.34 43.69 1.81
N PRO A 103 28.51 44.33 2.63
CA PRO A 103 28.99 45.51 3.34
C PRO A 103 30.16 45.17 4.25
N GLY A 104 31.21 45.98 4.21
CA GLY A 104 32.33 45.81 5.11
C GLY A 104 33.41 44.87 4.57
N LEU A 105 33.08 44.12 3.54
CA LEU A 105 33.98 43.07 3.05
C LEU A 105 34.99 43.66 2.09
N THR A 106 36.27 43.43 2.33
CA THR A 106 37.25 43.96 1.40
C THR A 106 38.06 42.91 0.70
N SER A 107 38.13 41.70 1.24
CA SER A 107 38.78 40.61 0.53
C SER A 107 38.24 39.27 0.99
N TYR A 108 38.31 38.30 0.08
CA TYR A 108 37.77 36.95 0.37
C TYR A 108 38.46 35.96 -0.54
N LEU A 109 39.30 35.13 0.05
CA LEU A 109 40.18 34.23 -0.70
C LEU A 109 39.87 32.80 -0.34
N VAL A 110 39.90 31.94 -1.35
CA VAL A 110 39.63 30.52 -1.21
C VAL A 110 40.82 29.78 -1.82
N ARG A 111 41.37 28.82 -1.09
CA ARG A 111 42.42 27.96 -1.66
C ARG A 111 42.15 26.50 -1.34
N VAL A 112 41.97 25.68 -2.36
CA VAL A 112 41.82 24.24 -2.16
C VAL A 112 43.19 23.63 -1.85
N VAL A 113 43.33 23.14 -0.62
CA VAL A 113 44.61 22.68 -0.09
C VAL A 113 44.89 21.26 -0.60
N SER A 114 43.88 20.41 -0.54
CA SER A 114 44.04 19.01 -0.89
C SER A 114 42.67 18.46 -1.16
N THR A 115 42.58 17.48 -2.05
CA THR A 115 41.34 16.73 -2.26
C THR A 115 41.64 15.51 -3.10
N ASN A 116 40.86 14.46 -2.91
CA ASN A 116 40.85 13.36 -3.86
C ASN A 116 39.54 13.29 -4.66
N TYR A 117 38.76 14.37 -4.57
CA TYR A 117 37.59 14.62 -5.40
C TYR A 117 36.37 13.75 -5.08
N ASN A 118 36.58 12.49 -4.77
CA ASN A 118 35.47 11.56 -4.58
C ASN A 118 35.25 11.14 -3.11
N GLN A 119 36.07 11.67 -2.19
CA GLN A 119 35.86 11.41 -0.76
C GLN A 119 36.03 12.61 0.12
N HIS A 120 37.13 13.33 -0.04
CA HIS A 120 37.46 14.37 0.92
C HIS A 120 38.20 15.53 0.30
N ALA A 121 38.12 16.68 0.97
CA ALA A 121 38.86 17.87 0.59
C ALA A 121 39.14 18.73 1.82
N MET A 122 40.21 19.52 1.78
CA MET A 122 40.43 20.57 2.77
C MET A 122 40.60 21.86 2.03
N VAL A 123 39.86 22.88 2.48
CA VAL A 123 39.84 24.16 1.78
C VAL A 123 40.03 25.30 2.77
N PHE A 124 40.91 26.21 2.41
CA PHE A 124 41.31 27.33 3.26
C PHE A 124 40.57 28.57 2.80
N PHE A 125 40.04 29.35 3.74
CA PHE A 125 39.32 30.59 3.46
C PHE A 125 39.87 31.70 4.30
N LYS A 126 40.05 32.85 3.68
CA LYS A 126 40.50 34.04 4.39
C LYS A 126 39.69 35.24 3.95
N LYS A 127 39.16 35.96 4.93
CA LYS A 127 38.27 37.07 4.66
C LYS A 127 38.66 38.26 5.52
N VAL A 128 38.63 39.43 4.93
CA VAL A 128 38.79 40.66 5.67
C VAL A 128 37.50 41.46 5.67
N SER A 129 36.92 41.61 6.86
CA SER A 129 35.62 42.23 7.04
C SER A 129 35.66 43.24 8.19
N GLN A 130 35.20 44.45 7.91
CA GLN A 130 35.36 45.58 8.84
C GLN A 130 36.80 45.67 9.29
N ASN A 131 37.72 45.33 8.39
CA ASN A 131 39.14 45.37 8.70
C ASN A 131 39.66 44.22 9.60
N ARG A 132 38.79 43.28 9.95
CA ARG A 132 39.22 42.10 10.73
C ARG A 132 39.52 40.95 9.82
N GLU A 133 40.62 40.25 10.09
CA GLU A 133 41.03 39.15 9.25
C GLU A 133 40.68 37.77 9.85
N TYR A 134 39.72 37.12 9.24
CA TYR A 134 39.23 35.83 9.68
C TYR A 134 39.77 34.77 8.75
N PHE A 135 40.11 33.61 9.31
CA PHE A 135 40.47 32.49 8.48
C PHE A 135 39.89 31.20 9.02
N LYS A 136 39.63 30.29 8.10
CA LYS A 136 39.19 28.96 8.49
C LYS A 136 39.67 27.94 7.51
N ILE A 137 39.67 26.70 7.99
CA ILE A 137 39.87 25.54 7.14
C ILE A 137 38.63 24.69 7.29
N THR A 138 38.11 24.28 6.16
CA THR A 138 36.93 23.46 6.10
C THR A 138 37.38 22.09 5.60
N LEU A 139 37.00 21.07 6.35
CA LEU A 139 37.15 19.68 5.94
C LEU A 139 35.82 19.21 5.35
N TYR A 140 35.84 18.94 4.04
CA TYR A 140 34.69 18.47 3.31
C TYR A 140 34.79 16.97 3.13
N GLY A 141 33.63 16.31 3.20
CA GLY A 141 33.52 14.88 2.86
C GLY A 141 32.37 14.70 1.87
N ARG A 142 32.52 13.77 0.93
CA ARG A 142 31.41 13.40 0.06
C ARG A 142 30.35 12.65 0.84
N THR A 143 30.75 12.05 1.97
CA THR A 143 29.79 11.49 2.92
C THR A 143 29.93 12.21 4.26
N LYS A 144 29.03 11.91 5.20
CA LYS A 144 28.95 12.66 6.45
C LYS A 144 29.99 12.20 7.47
N GLU A 145 30.61 11.05 7.20
CA GLU A 145 31.65 10.51 8.09
C GLU A 145 32.99 10.53 7.37
N LEU A 146 34.08 10.74 8.10
CA LEU A 146 35.38 10.47 7.52
C LEU A 146 36.24 9.68 8.50
N THR A 147 37.33 9.11 8.00
CA THR A 147 38.19 8.28 8.82
C THR A 147 38.90 9.11 9.87
N SER A 148 39.33 8.43 10.93
CA SER A 148 40.16 9.04 11.95
C SER A 148 41.45 9.57 11.35
N GLU A 149 41.99 8.85 10.37
CA GLU A 149 43.18 9.30 9.68
C GLU A 149 42.98 10.69 9.08
N LEU A 150 41.87 10.89 8.39
CA LEU A 150 41.65 12.13 7.68
C LEU A 150 41.39 13.25 8.68
N LYS A 151 40.68 12.93 9.75
CA LYS A 151 40.45 13.89 10.80
C LYS A 151 41.74 14.27 11.52
N GLU A 152 42.63 13.31 11.76
CA GLU A 152 43.93 13.61 12.36
C GLU A 152 44.79 14.48 11.46
N ASN A 153 44.78 14.18 10.16
CA ASN A 153 45.44 15.06 9.18
C ASN A 153 44.90 16.48 9.23
N PHE A 154 43.59 16.62 9.30
CA PHE A 154 42.95 17.93 9.40
C PHE A 154 43.36 18.69 10.66
N ILE A 155 43.39 17.99 11.79
CA ILE A 155 43.78 18.60 13.05
C ILE A 155 45.24 19.02 12.96
N ARG A 156 46.10 18.14 12.42
CA ARG A 156 47.52 18.48 12.28
C ARG A 156 47.70 19.73 11.38
N PHE A 157 46.99 19.77 10.28
CA PHE A 157 47.09 20.92 9.39
C PHE A 157 46.59 22.22 10.06
N SER A 158 45.48 22.14 10.76
CA SER A 158 44.96 23.28 11.49
C SER A 158 45.94 23.83 12.51
N LYS A 159 46.55 22.93 13.27
CA LYS A 159 47.55 23.33 14.23
C LYS A 159 48.77 23.98 13.57
N SER A 160 49.15 23.50 12.38
CA SER A 160 50.27 24.11 11.67
C SER A 160 49.97 25.57 11.33
N LEU A 161 48.68 25.94 11.30
CA LEU A 161 48.30 27.32 11.02
C LEU A 161 48.02 28.14 12.26
N GLY A 162 48.41 27.60 13.42
CA GLY A 162 48.37 28.32 14.65
C GLY A 162 47.06 28.16 15.41
N LEU A 163 46.26 27.17 15.05
CA LEU A 163 45.01 26.95 15.75
C LEU A 163 45.16 25.86 16.82
N PRO A 164 44.82 26.20 18.07
CA PRO A 164 44.71 25.17 19.08
C PRO A 164 43.45 24.31 18.93
N GLU A 165 43.38 23.24 19.71
CA GLU A 165 42.36 22.20 19.53
C GLU A 165 40.96 22.76 19.82
N ASN A 166 40.86 23.75 20.69
CA ASN A 166 39.56 24.32 21.01
C ASN A 166 39.03 25.28 19.94
N HIS A 167 39.80 25.48 18.87
CA HIS A 167 39.29 26.16 17.66
C HIS A 167 39.06 25.20 16.50
N ILE A 168 38.82 23.95 16.83
CA ILE A 168 38.52 22.93 15.82
C ILE A 168 37.25 22.20 16.25
N VAL A 169 36.27 22.14 15.35
CA VAL A 169 35.04 21.44 15.68
C VAL A 169 34.67 20.48 14.57
N PHE A 170 33.93 19.45 14.92
CA PHE A 170 33.44 18.48 13.95
C PHE A 170 31.90 18.48 14.00
N PRO A 171 31.26 19.18 13.05
CA PRO A 171 29.82 19.36 13.12
C PRO A 171 29.09 18.03 13.19
N VAL A 172 28.02 18.00 13.97
CA VAL A 172 27.27 16.77 14.22
C VAL A 172 26.44 16.47 12.99
N PRO A 173 26.53 15.23 12.47
CA PRO A 173 25.70 14.83 11.32
C PRO A 173 24.22 15.04 11.62
N ILE A 174 23.48 15.58 10.66
CA ILE A 174 22.03 15.63 10.74
C ILE A 174 21.45 15.12 9.44
N ASP A 175 20.14 14.86 9.43
CA ASP A 175 19.43 14.43 8.22
C ASP A 175 18.58 15.51 7.56
N GLN A 176 18.17 16.51 8.33
CA GLN A 176 17.35 17.59 7.79
C GLN A 176 18.15 18.39 6.77
N CYS A 177 17.51 18.64 5.63
CA CYS A 177 17.96 19.61 4.63
C CYS A 177 19.09 19.13 3.75
N ILE A 178 20.06 18.44 4.35
CA ILE A 178 21.34 18.27 3.69
C ILE A 178 21.40 16.86 2.99
N ASP A 179 20.32 16.10 3.08
CA ASP A 179 20.26 14.79 2.38
C ASP A 179 19.63 14.88 0.99
N GLY A 180 19.40 16.07 0.48
CA GLY A 180 18.40 16.28 -0.57
C GLY A 180 18.61 15.42 -1.80
N SER B 5 12.71 31.89 -6.29
CA SER B 5 12.40 31.64 -4.86
C SER B 5 13.71 31.47 -4.08
N THR B 6 13.86 32.21 -2.99
CA THR B 6 15.08 32.15 -2.18
C THR B 6 14.78 32.00 -0.68
N SER B 7 13.50 31.94 -0.32
CA SER B 7 13.13 31.86 1.09
C SER B 7 13.48 30.51 1.75
N ASP B 8 13.52 30.50 3.07
CA ASP B 8 13.78 29.27 3.82
C ASP B 8 12.62 28.30 3.62
N LEU B 9 12.90 26.99 3.62
CA LEU B 9 11.85 25.99 3.36
C LEU B 9 11.72 25.05 4.55
N ILE B 10 10.50 24.60 4.81
CA ILE B 10 10.29 23.45 5.67
C ILE B 10 11.02 22.25 5.07
N PRO B 11 11.82 21.54 5.87
CA PRO B 11 12.64 20.46 5.30
C PRO B 11 11.78 19.32 4.79
N ALA B 12 12.22 18.68 3.71
CA ALA B 12 11.62 17.42 3.32
C ALA B 12 11.76 16.39 4.42
N PRO B 13 10.72 15.56 4.62
CA PRO B 13 10.76 14.55 5.69
C PRO B 13 11.68 13.44 5.24
N PRO B 14 12.25 12.69 6.20
CA PRO B 14 12.91 11.47 5.76
C PRO B 14 11.93 10.49 5.11
N LEU B 15 12.40 9.78 4.10
CA LEU B 15 11.55 8.90 3.30
C LEU B 15 10.96 7.80 4.17
N SER B 16 11.59 7.52 5.30
CA SER B 16 11.07 6.57 6.26
C SER B 16 9.73 6.98 6.83
N LYS B 17 9.40 8.26 6.78
CA LYS B 17 8.08 8.70 7.23
C LYS B 17 7.02 8.63 6.14
N VAL B 18 7.42 8.27 4.93
CA VAL B 18 6.51 8.33 3.79
C VAL B 18 6.23 6.89 3.32
N PRO B 19 5.09 6.32 3.70
CA PRO B 19 4.81 4.96 3.31
C PRO B 19 4.78 4.77 1.78
N LEU B 20 5.02 3.53 1.34
CA LEU B 20 4.81 3.14 -0.05
C LEU B 20 3.66 2.14 -0.11
N GLN B 21 2.71 2.38 -1.00
CA GLN B 21 1.59 1.46 -1.16
C GLN B 21 2.14 0.07 -1.47
N GLN B 22 1.74 -0.90 -0.66
CA GLN B 22 2.13 -2.29 -0.84
C GLN B 22 1.56 -2.89 -2.13
N ASN B 23 2.37 -3.70 -2.83
CA ASN B 23 1.93 -4.42 -4.05
C ASN B 23 1.23 -3.49 -5.03
N PHE B 24 1.86 -2.37 -5.32
CA PHE B 24 1.27 -1.34 -6.16
C PHE B 24 0.93 -1.93 -7.54
N GLN B 25 -0.26 -1.61 -8.03
CA GLN B 25 -0.81 -2.19 -9.25
C GLN B 25 -0.92 -1.14 -10.33
N ASP B 26 0.07 -1.11 -11.22
CA ASP B 26 0.20 0.03 -12.10
C ASP B 26 -0.95 0.19 -13.09
N ASN B 27 -1.53 -0.93 -13.50
CA ASN B 27 -2.66 -0.87 -14.42
C ASN B 27 -3.95 -0.34 -13.78
N GLN B 28 -4.17 -0.70 -12.53
CA GLN B 28 -5.35 -0.26 -11.79
C GLN B 28 -5.31 1.22 -11.42
N PHE B 29 -4.11 1.78 -11.36
CA PHE B 29 -3.93 3.17 -11.02
C PHE B 29 -4.18 4.12 -12.18
N GLN B 30 -4.25 3.58 -13.40
CA GLN B 30 -4.39 4.40 -14.61
C GLN B 30 -5.67 5.20 -14.64
N GLY B 31 -5.69 6.17 -15.56
CA GLY B 31 -6.89 6.93 -15.82
C GLY B 31 -6.78 8.29 -15.13
N LYS B 32 -7.93 8.93 -15.01
CA LYS B 32 -8.02 10.30 -14.51
C LYS B 32 -8.20 10.34 -13.01
N TRP B 33 -7.46 11.23 -12.38
CA TRP B 33 -7.62 11.58 -10.98
C TRP B 33 -7.74 13.11 -10.83
N TYR B 34 -8.66 13.55 -9.96
CA TYR B 34 -8.79 14.95 -9.64
C TYR B 34 -7.94 15.25 -8.44
N VAL B 35 -7.32 16.41 -8.45
CA VAL B 35 -6.54 16.86 -7.31
C VAL B 35 -7.45 17.55 -6.31
N VAL B 36 -7.80 16.82 -5.27
CA VAL B 36 -8.80 17.23 -4.31
C VAL B 36 -8.13 17.88 -3.09
N GLY B 37 -6.86 17.56 -2.88
CA GLY B 37 -6.08 18.19 -1.79
C GLY B 37 -4.62 18.28 -2.14
N LEU B 38 -3.97 19.34 -1.66
CA LEU B 38 -2.54 19.57 -1.87
C LEU B 38 -1.93 20.04 -0.58
N ALA B 39 -0.79 19.49 -0.23
CA ALA B 39 -0.01 19.99 0.89
C ALA B 39 1.46 19.97 0.52
N GLY B 40 2.21 20.97 0.96
CA GLY B 40 3.65 20.95 0.68
C GLY B 40 4.38 22.18 1.16
N ASN B 41 5.71 22.16 1.06
CA ASN B 41 6.51 23.26 1.60
C ASN B 41 6.53 24.47 0.68
N ALA B 42 5.94 24.36 -0.49
CA ALA B 42 5.69 25.54 -1.28
C ALA B 42 4.19 25.75 -1.53
N ILE B 43 3.34 25.13 -0.71
CA ILE B 43 1.89 25.36 -0.80
C ILE B 43 1.55 26.34 0.32
N LEU B 44 0.78 27.37 -0.01
CA LEU B 44 0.33 28.35 0.98
C LEU B 44 -1.14 28.74 0.76
N ARG B 45 -1.96 28.46 1.77
CA ARG B 45 -3.40 28.74 1.71
C ARG B 45 -3.62 30.25 1.61
N GLU B 46 -4.33 30.67 0.57
CA GLU B 46 -4.63 32.10 0.34
C GLU B 46 -6.15 32.32 0.15
N ASP B 47 -6.82 32.77 1.20
CA ASP B 47 -8.24 33.08 1.16
C ASP B 47 -8.61 33.98 -0.03
N LYS B 48 -7.75 34.94 -0.36
CA LYS B 48 -8.02 35.89 -1.45
C LYS B 48 -8.23 35.22 -2.80
N ASP B 49 -7.31 34.33 -3.18
CA ASP B 49 -7.24 33.82 -4.57
C ASP B 49 -7.15 32.29 -4.60
N PRO B 50 -8.30 31.60 -4.37
CA PRO B 50 -8.26 30.18 -4.05
C PRO B 50 -7.82 29.29 -5.22
N GLN B 51 -7.08 28.24 -4.91
CA GLN B 51 -6.59 27.31 -5.89
C GLN B 51 -7.78 26.60 -6.56
N LYS B 52 -7.78 26.57 -7.88
CA LYS B 52 -8.75 25.80 -8.64
C LYS B 52 -8.31 24.36 -8.79
N MET B 53 -9.28 23.44 -8.78
CA MET B 53 -9.02 22.05 -9.02
C MET B 53 -8.44 21.81 -10.40
N TYR B 54 -7.50 20.88 -10.49
CA TYR B 54 -7.09 20.38 -11.79
C TYR B 54 -7.10 18.86 -11.76
N ALA B 55 -6.87 18.27 -12.91
CA ALA B 55 -6.92 16.83 -13.04
C ALA B 55 -5.62 16.32 -13.63
N THR B 56 -5.29 15.08 -13.29
CA THR B 56 -4.10 14.43 -13.83
C THR B 56 -4.44 13.00 -14.31
N ILE B 57 -4.02 12.70 -15.54
CA ILE B 57 -4.32 11.44 -16.19
C ILE B 57 -3.05 10.61 -16.39
N TYR B 58 -3.11 9.38 -15.91
CA TYR B 58 -2.01 8.45 -15.96
C TYR B 58 -2.31 7.40 -17.04
N GLU B 59 -1.44 7.33 -18.04
CA GLU B 59 -1.55 6.26 -19.02
C GLU B 59 -0.31 5.38 -19.00
N LEU B 60 -0.52 4.09 -18.81
CA LEU B 60 0.56 3.15 -18.63
C LEU B 60 1.05 2.75 -19.99
N LYS B 61 2.35 2.88 -20.22
CA LYS B 61 2.93 2.49 -21.49
C LYS B 61 3.45 1.06 -21.47
N GLU B 62 3.79 0.57 -22.66
CA GLU B 62 4.35 -0.76 -22.82
C GLU B 62 5.53 -1.01 -21.90
N ASP B 63 6.44 -0.04 -21.78
CA ASP B 63 7.61 -0.21 -20.92
C ASP B 63 7.34 0.03 -19.45
N LYS B 64 6.06 0.24 -19.10
CA LYS B 64 5.60 0.41 -17.72
C LYS B 64 5.92 1.76 -17.13
N SER B 65 6.48 2.68 -17.92
CA SER B 65 6.43 4.08 -17.55
C SER B 65 4.98 4.59 -17.73
N TYR B 66 4.67 5.71 -17.10
CA TYR B 66 3.43 6.42 -17.33
C TYR B 66 3.67 7.66 -18.19
N ASN B 67 2.80 7.86 -19.17
CA ASN B 67 2.56 9.19 -19.73
C ASN B 67 1.55 9.91 -18.83
N VAL B 68 1.94 11.07 -18.32
CA VAL B 68 1.16 11.73 -17.30
C VAL B 68 0.77 13.11 -17.79
N THR B 69 -0.53 13.38 -17.85
CA THR B 69 -1.02 14.66 -18.33
C THR B 69 -1.82 15.35 -17.25
N SER B 70 -1.43 16.57 -16.90
CA SER B 70 -2.28 17.41 -16.05
C SER B 70 -2.98 18.46 -16.88
N VAL B 71 -4.24 18.69 -16.55
CA VAL B 71 -5.06 19.65 -17.23
C VAL B 71 -5.52 20.70 -16.24
N LEU B 72 -5.18 21.95 -16.50
CA LEU B 72 -5.50 23.07 -15.62
C LEU B 72 -6.27 24.13 -16.40
N PHE B 73 -7.14 24.86 -15.72
CA PHE B 73 -7.78 26.01 -16.29
C PHE B 73 -7.03 27.24 -15.82
N ARG B 74 -6.34 27.91 -16.74
CA ARG B 74 -5.65 29.13 -16.39
C ARG B 74 -5.68 30.14 -17.52
N LYS B 75 -5.96 31.38 -17.13
CA LYS B 75 -6.02 32.50 -18.04
C LYS B 75 -6.99 32.18 -19.17
N LYS B 76 -8.13 31.61 -18.81
CA LYS B 76 -9.22 31.34 -19.74
C LYS B 76 -8.94 30.23 -20.75
N LYS B 77 -7.81 29.55 -20.58
CA LYS B 77 -7.47 28.43 -21.44
C LYS B 77 -7.26 27.14 -20.70
N CYS B 78 -7.34 26.03 -21.44
CA CYS B 78 -6.94 24.74 -20.89
C CYS B 78 -5.45 24.56 -21.08
N ASP B 79 -4.74 24.34 -19.98
CA ASP B 79 -3.28 24.24 -19.99
CA ASP B 79 -3.29 24.27 -20.00
C ASP B 79 -2.94 22.80 -19.71
N TYR B 80 -2.05 22.23 -20.50
CA TYR B 80 -1.77 20.81 -20.41
C TYR B 80 -0.29 20.64 -20.17
N TRP B 81 0.05 19.91 -19.12
CA TRP B 81 1.43 19.53 -18.91
C TRP B 81 1.57 18.03 -19.02
N ILE B 82 2.35 17.61 -20.01
CA ILE B 82 2.56 16.20 -20.31
C ILE B 82 4.00 15.86 -19.97
N ARG B 83 4.19 14.83 -19.17
CA ARG B 83 5.53 14.35 -18.81
C ARG B 83 5.52 12.85 -18.61
N THR B 84 6.70 12.28 -18.37
CA THR B 84 6.84 10.83 -18.25
C THR B 84 7.32 10.52 -16.83
N PHE B 85 6.67 9.54 -16.20
CA PHE B 85 7.13 8.93 -14.95
C PHE B 85 7.75 7.57 -15.27
N VAL B 86 9.04 7.45 -14.99
CA VAL B 86 9.81 6.26 -15.27
C VAL B 86 9.87 5.43 -14.00
N PRO B 87 9.67 4.10 -14.10
CA PRO B 87 9.65 3.31 -12.88
C PRO B 87 10.93 3.49 -12.09
N GLY B 88 10.78 3.60 -10.78
CA GLY B 88 11.92 3.77 -9.90
C GLY B 88 12.35 2.43 -9.33
N SER B 89 12.85 2.43 -8.11
CA SER B 89 13.46 1.23 -7.55
C SER B 89 12.47 0.16 -7.10
N GLN B 90 11.25 0.56 -6.78
CA GLN B 90 10.20 -0.34 -6.26
C GLN B 90 8.90 0.00 -6.96
N PRO B 91 7.99 -0.98 -7.09
CA PRO B 91 6.67 -0.65 -7.64
C PRO B 91 5.94 0.45 -6.84
N GLY B 92 5.41 1.43 -7.55
CA GLY B 92 4.76 2.59 -6.94
C GLY B 92 5.67 3.78 -6.74
N GLU B 93 6.96 3.60 -7.04
CA GLU B 93 7.88 4.73 -7.13
C GLU B 93 8.25 5.02 -8.57
N PHE B 94 8.43 6.30 -8.85
CA PHE B 94 8.80 6.78 -10.18
C PHE B 94 9.75 7.93 -10.05
N THR B 95 10.50 8.19 -11.12
CA THR B 95 11.19 9.47 -11.27
C THR B 95 10.73 10.12 -12.56
N LEU B 96 11.00 11.42 -12.70
CA LEU B 96 10.62 12.16 -13.90
C LEU B 96 11.59 11.79 -15.03
N GLY B 97 11.05 11.39 -16.17
CA GLY B 97 11.86 11.18 -17.37
C GLY B 97 12.44 12.48 -17.92
N ASN B 98 13.57 12.36 -18.60
CA ASN B 98 14.18 13.49 -19.32
CA ASN B 98 14.24 13.48 -19.32
C ASN B 98 14.48 14.68 -18.41
N ILE B 99 15.09 14.41 -17.27
CA ILE B 99 15.30 15.46 -16.28
C ILE B 99 16.16 16.59 -16.87
N LYS B 100 17.07 16.27 -17.78
CA LYS B 100 17.95 17.27 -18.38
C LYS B 100 17.17 18.30 -19.20
N SER B 101 15.95 17.99 -19.59
CA SER B 101 15.16 18.91 -20.39
C SER B 101 14.49 20.01 -19.52
N TYR B 102 14.61 19.92 -18.20
CA TYR B 102 14.01 20.88 -17.29
C TYR B 102 15.07 21.71 -16.58
N PRO B 103 15.19 22.99 -16.94
CA PRO B 103 16.32 23.75 -16.45
C PRO B 103 16.34 23.83 -14.93
N GLY B 104 17.50 23.55 -14.33
CA GLY B 104 17.66 23.66 -12.89
C GLY B 104 17.33 22.40 -12.10
N LEU B 105 16.67 21.45 -12.75
CA LEU B 105 16.13 20.29 -12.08
C LEU B 105 17.20 19.23 -11.94
N THR B 106 17.39 18.74 -10.72
CA THR B 106 18.37 17.69 -10.53
C THR B 106 17.74 16.38 -10.05
N SER B 107 16.59 16.40 -9.39
CA SER B 107 15.95 15.15 -9.04
C SER B 107 14.45 15.34 -8.90
N TYR B 108 13.70 14.28 -9.14
CA TYR B 108 12.27 14.33 -9.07
C TYR B 108 11.67 12.95 -8.79
N LEU B 109 11.17 12.77 -7.57
CA LEU B 109 10.79 11.46 -7.06
C LEU B 109 9.28 11.47 -6.80
N VAL B 110 8.64 10.38 -7.17
CA VAL B 110 7.22 10.17 -6.96
C VAL B 110 7.08 8.87 -6.14
N ARG B 111 6.29 8.91 -5.08
CA ARG B 111 5.99 7.71 -4.31
C ARG B 111 4.51 7.67 -4.00
N VAL B 112 3.83 6.64 -4.50
CA VAL B 112 2.43 6.43 -4.18
C VAL B 112 2.34 5.91 -2.75
N VAL B 113 1.71 6.69 -1.89
CA VAL B 113 1.68 6.40 -0.45
C VAL B 113 0.57 5.40 -0.16
N SER B 114 -0.61 5.62 -0.74
CA SER B 114 -1.75 4.78 -0.48
C SER B 114 -2.77 5.01 -1.57
N THR B 115 -3.52 3.97 -1.92
CA THR B 115 -4.64 4.14 -2.84
C THR B 115 -5.51 2.91 -2.76
N ASN B 116 -6.80 3.09 -3.05
CA ASN B 116 -7.67 1.96 -3.28
C ASN B 116 -8.06 1.85 -4.74
N TYR B 117 -7.38 2.61 -5.58
CA TYR B 117 -7.49 2.56 -7.04
C TYR B 117 -8.80 3.06 -7.65
N ASN B 118 -9.93 2.75 -7.03
CA ASN B 118 -11.21 3.15 -7.59
C ASN B 118 -11.83 4.41 -7.00
N GLN B 119 -11.24 4.95 -5.92
CA GLN B 119 -11.79 6.17 -5.31
C GLN B 119 -10.73 7.24 -5.00
N HIS B 120 -9.68 6.85 -4.31
CA HIS B 120 -8.73 7.84 -3.80
C HIS B 120 -7.29 7.35 -3.81
N ALA B 121 -6.39 8.32 -3.74
CA ALA B 121 -4.95 8.03 -3.62
C ALA B 121 -4.27 9.20 -2.93
N MET B 122 -3.15 8.93 -2.28
CA MET B 122 -2.26 9.99 -1.82
C MET B 122 -0.90 9.69 -2.40
N VAL B 123 -0.29 10.71 -2.98
CA VAL B 123 0.98 10.54 -3.64
C VAL B 123 1.95 11.62 -3.20
N PHE B 124 3.17 11.18 -2.87
CA PHE B 124 4.25 12.06 -2.39
C PHE B 124 5.20 12.40 -3.53
N PHE B 125 5.55 13.68 -3.65
CA PHE B 125 6.47 14.16 -4.67
C PHE B 125 7.60 14.98 -4.04
N LYS B 126 8.82 14.75 -4.49
CA LYS B 126 9.96 15.46 -3.99
C LYS B 126 10.85 15.85 -5.16
N LYS B 127 11.23 17.12 -5.20
CA LYS B 127 11.94 17.67 -6.31
C LYS B 127 13.07 18.55 -5.78
N VAL B 128 14.24 18.46 -6.40
CA VAL B 128 15.34 19.36 -6.13
C VAL B 128 15.58 20.19 -7.39
N SER B 129 15.38 21.50 -7.25
CA SER B 129 15.47 22.43 -8.32
C SER B 129 16.23 23.66 -7.87
N GLN B 130 17.25 24.04 -8.61
CA GLN B 130 18.20 25.05 -8.16
C GLN B 130 18.63 24.76 -6.73
N ASN B 131 18.85 23.49 -6.43
CA ASN B 131 19.38 23.07 -5.12
C ASN B 131 18.37 23.20 -4.00
N ARG B 132 17.16 23.62 -4.31
CA ARG B 132 16.12 23.72 -3.32
C ARG B 132 15.26 22.48 -3.34
N GLU B 133 14.96 21.98 -2.16
CA GLU B 133 14.19 20.75 -2.03
C GLU B 133 12.72 21.01 -1.67
N TYR B 134 11.87 20.78 -2.64
CA TYR B 134 10.44 20.96 -2.51
C TYR B 134 9.76 19.60 -2.34
N PHE B 135 8.73 19.53 -1.51
CA PHE B 135 7.93 18.33 -1.41
C PHE B 135 6.47 18.66 -1.29
N LYS B 136 5.64 17.77 -1.82
CA LYS B 136 4.23 17.88 -1.65
C LYS B 136 3.61 16.52 -1.54
N ILE B 137 2.42 16.52 -0.98
CA ILE B 137 1.51 15.38 -0.99
C ILE B 137 0.24 15.81 -1.69
N THR B 138 -0.17 14.98 -2.62
CA THR B 138 -1.33 15.23 -3.42
C THR B 138 -2.37 14.19 -3.02
N LEU B 139 -3.57 14.69 -2.70
CA LEU B 139 -4.73 13.85 -2.48
C LEU B 139 -5.59 13.80 -3.75
N TYR B 140 -5.66 12.61 -4.35
CA TYR B 140 -6.37 12.39 -5.61
C TYR B 140 -7.70 11.72 -5.35
N GLY B 141 -8.71 12.10 -6.11
CA GLY B 141 -10.02 11.42 -6.11
C GLY B 141 -10.45 11.07 -7.52
N ARG B 142 -11.17 9.95 -7.68
CA ARG B 142 -11.73 9.63 -8.99
C ARG B 142 -12.90 10.56 -9.32
N THR B 143 -13.51 11.11 -8.28
CA THR B 143 -14.44 12.23 -8.43
C THR B 143 -13.93 13.47 -7.68
N LYS B 144 -14.65 14.58 -7.82
CA LYS B 144 -14.14 15.88 -7.39
C LYS B 144 -14.33 16.08 -5.87
N GLU B 145 -15.10 15.19 -5.26
CA GLU B 145 -15.39 15.27 -3.82
C GLU B 145 -14.78 14.08 -3.11
N LEU B 146 -14.31 14.26 -1.89
CA LEU B 146 -14.01 13.13 -1.01
C LEU B 146 -14.56 13.35 0.38
N THR B 147 -14.62 12.27 1.17
CA THR B 147 -15.20 12.34 2.50
C THR B 147 -14.39 13.25 3.42
N SER B 148 -15.06 13.80 4.42
CA SER B 148 -14.40 14.56 5.46
C SER B 148 -13.36 13.73 6.15
N GLU B 149 -13.67 12.47 6.37
CA GLU B 149 -12.73 11.53 6.94
C GLU B 149 -11.42 11.45 6.14
N LEU B 150 -11.53 11.31 4.82
CA LEU B 150 -10.33 11.16 3.99
C LEU B 150 -9.56 12.49 4.00
N LYS B 151 -10.27 13.58 3.96
CA LYS B 151 -9.62 14.88 4.03
C LYS B 151 -8.89 15.12 5.34
N GLU B 152 -9.51 14.76 6.44
CA GLU B 152 -8.87 14.90 7.72
C GLU B 152 -7.64 13.99 7.85
N ASN B 153 -7.77 12.77 7.35
CA ASN B 153 -6.65 11.86 7.32
C ASN B 153 -5.47 12.46 6.52
N PHE B 154 -5.77 13.09 5.41
CA PHE B 154 -4.77 13.75 4.58
C PHE B 154 -4.12 14.90 5.35
N ILE B 155 -4.92 15.66 6.10
CA ILE B 155 -4.37 16.70 6.96
C ILE B 155 -3.44 16.14 8.05
N ARG B 156 -3.89 15.09 8.73
CA ARG B 156 -3.09 14.44 9.77
C ARG B 156 -1.78 13.90 9.17
N PHE B 157 -1.85 13.25 8.02
CA PHE B 157 -0.62 12.76 7.36
C PHE B 157 0.32 13.92 7.01
N SER B 158 -0.24 14.99 6.47
CA SER B 158 0.56 16.13 6.07
C SER B 158 1.28 16.72 7.28
N LYS B 159 0.56 16.83 8.39
CA LYS B 159 1.13 17.31 9.62
C LYS B 159 2.24 16.39 10.13
N SER B 160 2.10 15.09 9.94
CA SER B 160 3.16 14.16 10.35
C SER B 160 4.45 14.42 9.56
N LEU B 161 4.34 15.05 8.40
CA LEU B 161 5.51 15.36 7.60
C LEU B 161 6.04 16.76 7.83
N GLY B 162 5.52 17.42 8.87
CA GLY B 162 6.03 18.72 9.31
C GLY B 162 5.32 19.90 8.65
N LEU B 163 4.19 19.65 8.00
CA LEU B 163 3.45 20.73 7.37
C LEU B 163 2.33 21.23 8.26
N PRO B 164 2.35 22.54 8.59
CA PRO B 164 1.22 23.11 9.28
C PRO B 164 -0.01 23.28 8.40
N GLU B 165 -1.13 23.63 9.04
CA GLU B 165 -2.45 23.65 8.39
C GLU B 165 -2.49 24.66 7.23
N ASN B 166 -1.76 25.76 7.35
CA ASN B 166 -1.76 26.75 6.30
C ASN B 166 -0.92 26.38 5.06
N HIS B 167 -0.27 25.23 5.10
CA HIS B 167 0.39 24.68 3.91
C HIS B 167 -0.42 23.56 3.27
N ILE B 168 -1.71 23.57 3.55
CA ILE B 168 -2.61 22.56 3.02
C ILE B 168 -3.78 23.27 2.37
N VAL B 169 -4.08 22.94 1.11
CA VAL B 169 -5.23 23.53 0.46
C VAL B 169 -6.10 22.46 -0.19
N PHE B 170 -7.38 22.76 -0.32
CA PHE B 170 -8.32 21.89 -0.99
C PHE B 170 -8.87 22.62 -2.20
N PRO B 171 -8.31 22.34 -3.38
CA PRO B 171 -8.71 23.11 -4.55
C PRO B 171 -10.21 23.08 -4.78
N VAL B 172 -10.75 24.21 -5.25
CA VAL B 172 -12.18 24.34 -5.49
C VAL B 172 -12.54 23.61 -6.80
N PRO B 173 -13.54 22.73 -6.76
CA PRO B 173 -14.03 22.08 -7.97
C PRO B 173 -14.41 23.09 -9.04
N ILE B 174 -14.05 22.83 -10.29
CA ILE B 174 -14.52 23.64 -11.41
C ILE B 174 -14.94 22.69 -12.52
N ASP B 175 -15.61 23.23 -13.51
CA ASP B 175 -16.07 22.43 -14.66
C ASP B 175 -15.28 22.68 -15.95
N GLN B 176 -14.61 23.81 -16.05
CA GLN B 176 -13.81 24.12 -17.25
C GLN B 176 -12.60 23.19 -17.38
N CYS B 177 -12.43 22.66 -18.59
CA CYS B 177 -11.24 21.90 -18.98
C CYS B 177 -11.09 20.50 -18.38
N ILE B 178 -11.36 20.34 -17.08
CA ILE B 178 -10.93 19.13 -16.38
C ILE B 178 -11.90 17.96 -16.45
N ASP B 179 -13.02 18.10 -17.15
CA ASP B 179 -14.00 17.01 -17.26
C ASP B 179 -14.07 16.42 -18.67
N SER C 5 15.45 -24.16 -13.32
CA SER C 5 15.82 -24.22 -11.88
C SER C 5 14.54 -24.16 -11.04
N THR C 6 14.41 -25.12 -10.12
CA THR C 6 13.18 -25.28 -9.33
C THR C 6 13.47 -25.48 -7.83
N SER C 7 14.74 -25.51 -7.46
CA SER C 7 15.12 -25.80 -6.09
C SER C 7 14.76 -24.64 -5.15
N ASP C 8 14.71 -24.93 -3.85
CA ASP C 8 14.42 -23.88 -2.85
C ASP C 8 15.56 -22.91 -2.82
N LEU C 9 15.28 -21.64 -2.50
CA LEU C 9 16.31 -20.62 -2.47
C LEU C 9 16.44 -19.99 -1.10
N ILE C 10 17.67 -19.61 -0.76
CA ILE C 10 17.87 -18.72 0.38
C ILE C 10 17.14 -17.42 0.10
N PRO C 11 16.35 -16.94 1.06
CA PRO C 11 15.55 -15.76 0.79
C PRO C 11 16.41 -14.52 0.54
N ALA C 12 15.96 -13.65 -0.34
CA ALA C 12 16.55 -12.33 -0.41
C ALA C 12 16.42 -11.61 0.93
N PRO C 13 17.45 -10.87 1.33
CA PRO C 13 17.39 -10.15 2.61
C PRO C 13 16.45 -8.96 2.47
N PRO C 14 15.91 -8.45 3.57
CA PRO C 14 15.19 -7.21 3.44
C PRO C 14 16.15 -6.08 3.03
N LEU C 15 15.67 -5.14 2.25
CA LEU C 15 16.52 -4.08 1.67
C LEU C 15 17.09 -3.22 2.79
N SER C 16 16.45 -3.24 3.94
CA SER C 16 16.97 -2.57 5.13
C SER C 16 18.30 -3.12 5.60
N LYS C 17 18.65 -4.33 5.20
CA LYS C 17 19.97 -4.86 5.54
C LYS C 17 21.03 -4.55 4.46
N VAL C 18 20.63 -3.87 3.40
CA VAL C 18 21.55 -3.61 2.28
C VAL C 18 21.81 -2.11 2.20
N PRO C 19 22.96 -1.67 2.68
CA PRO C 19 23.27 -0.23 2.63
C PRO C 19 23.33 0.31 1.21
N LEU C 20 23.07 1.61 1.08
CA LEU C 20 23.27 2.33 -0.16
C LEU C 20 24.40 3.32 0.03
N GLN C 21 25.36 3.32 -0.88
CA GLN C 21 26.48 4.24 -0.77
C GLN C 21 25.94 5.67 -0.71
N GLN C 22 26.30 6.39 0.33
CA GLN C 22 25.89 7.79 0.50
C GLN C 22 26.50 8.68 -0.62
N ASN C 23 25.69 9.62 -1.12
CA ASN C 23 26.15 10.63 -2.08
C ASN C 23 26.89 9.95 -3.26
N PHE C 24 26.26 8.94 -3.84
CA PHE C 24 26.86 8.19 -4.92
C PHE C 24 27.24 9.10 -6.09
N GLN C 25 28.45 8.90 -6.64
CA GLN C 25 29.00 9.76 -7.68
C GLN C 25 29.13 9.02 -9.00
N ASP C 26 28.15 9.21 -9.87
CA ASP C 26 27.99 8.32 -11.00
C ASP C 26 29.15 8.43 -11.99
N ASN C 27 29.75 9.62 -12.09
CA ASN C 27 30.85 9.81 -13.01
C ASN C 27 32.13 9.14 -12.50
N GLN C 28 32.34 9.19 -11.18
CA GLN C 28 33.50 8.56 -10.57
C GLN C 28 33.46 7.03 -10.62
N PHE C 29 32.25 6.47 -10.71
CA PHE C 29 32.06 5.03 -10.73
C PHE C 29 32.31 4.42 -12.11
N GLN C 30 32.37 5.23 -13.15
CA GLN C 30 32.54 4.75 -14.51
C GLN C 30 33.85 3.99 -14.73
N GLY C 31 33.90 3.30 -15.87
CA GLY C 31 35.12 2.65 -16.34
C GLY C 31 35.05 1.15 -16.05
N LYS C 32 36.20 0.51 -16.12
CA LYS C 32 36.29 -0.92 -15.98
C LYS C 32 36.45 -1.34 -14.53
N TRP C 33 35.69 -2.37 -14.15
CA TRP C 33 35.86 -3.07 -12.89
C TRP C 33 36.02 -4.58 -13.16
N TYR C 34 36.90 -5.24 -12.41
CA TYR C 34 37.00 -6.68 -12.42
C TYR C 34 36.12 -7.26 -11.33
N VAL C 35 35.50 -8.39 -11.63
CA VAL C 35 34.71 -9.10 -10.64
C VAL C 35 35.62 -10.04 -9.83
N VAL C 36 35.98 -9.59 -8.63
CA VAL C 36 36.98 -10.26 -7.81
C VAL C 36 36.30 -11.17 -6.78
N GLY C 37 35.02 -10.92 -6.50
CA GLY C 37 34.25 -11.76 -5.60
C GLY C 37 32.78 -11.79 -6.01
N LEU C 38 32.12 -12.92 -5.76
CA LEU C 38 30.67 -13.09 -5.98
C LEU C 38 30.08 -13.88 -4.83
N ALA C 39 28.91 -13.45 -4.36
CA ALA C 39 28.17 -14.19 -3.37
C ALA C 39 26.69 -14.07 -3.71
N GLY C 40 25.92 -15.11 -3.45
CA GLY C 40 24.49 -15.03 -3.70
C GLY C 40 23.77 -16.33 -3.55
N ASN C 41 22.44 -16.28 -3.65
CA ASN C 41 21.68 -17.48 -3.46
C ASN C 41 21.71 -18.43 -4.64
N ALA C 42 22.31 -18.01 -5.75
CA ALA C 42 22.56 -18.94 -6.85
C ALA C 42 24.05 -19.01 -7.16
N ILE C 43 24.88 -18.66 -6.18
CA ILE C 43 26.32 -18.90 -6.29
C ILE C 43 26.67 -20.13 -5.46
N LEU C 44 27.47 -21.01 -6.03
CA LEU C 44 27.94 -22.19 -5.33
C LEU C 44 29.42 -22.47 -5.60
N ARG C 45 30.21 -22.47 -4.53
CA ARG C 45 31.64 -22.74 -4.63
C ARG C 45 31.87 -24.17 -5.12
N GLU C 46 32.56 -24.32 -6.26
CA GLU C 46 32.86 -25.65 -6.83
C GLU C 46 34.37 -25.82 -7.09
N ASP C 47 35.06 -26.49 -6.17
CA ASP C 47 36.49 -26.77 -6.29
C ASP C 47 36.85 -27.38 -7.65
N LYS C 48 35.98 -28.24 -8.17
CA LYS C 48 36.23 -28.92 -9.44
C LYS C 48 36.42 -27.95 -10.60
N ASP C 49 35.49 -27.03 -10.77
CA ASP C 49 35.38 -26.23 -12.01
C ASP C 49 35.28 -24.73 -11.71
N PRO C 50 36.41 -24.10 -11.35
CA PRO C 50 36.37 -22.80 -10.69
C PRO C 50 35.92 -21.66 -11.60
N GLN C 51 35.17 -20.73 -11.04
CA GLN C 51 34.69 -19.57 -11.75
C GLN C 51 35.89 -18.73 -12.24
N LYS C 52 35.86 -18.33 -13.52
CA LYS C 52 36.86 -17.42 -14.06
C LYS C 52 36.43 -15.97 -13.86
N MET C 53 37.42 -15.12 -13.62
CA MET C 53 37.18 -13.69 -13.51
C MET C 53 36.63 -13.13 -14.83
N TYR C 54 35.73 -12.18 -14.73
CA TYR C 54 35.32 -11.37 -15.86
C TYR C 54 35.36 -9.91 -15.47
N ALA C 55 35.11 -9.05 -16.44
CA ALA C 55 35.18 -7.61 -16.22
C ALA C 55 33.88 -6.97 -16.66
N THR C 56 33.56 -5.84 -16.03
CA THR C 56 32.36 -5.10 -16.36
C THR C 56 32.68 -3.61 -16.47
N ILE C 57 32.27 -3.03 -17.59
CA ILE C 57 32.55 -1.65 -17.90
C ILE C 57 31.27 -0.83 -17.81
N TYR C 58 31.34 0.25 -17.02
CA TYR C 58 30.22 1.17 -16.85
C TYR C 58 30.48 2.46 -17.60
N GLU C 59 29.60 2.78 -18.56
CA GLU C 59 29.72 4.03 -19.27
C GLU C 59 28.50 4.90 -19.02
N LEU C 60 28.73 6.10 -18.52
CA LEU C 60 27.64 6.96 -18.11
C LEU C 60 27.14 7.68 -19.33
N LYS C 61 25.85 7.58 -19.61
CA LYS C 61 25.27 8.28 -20.72
C LYS C 61 24.77 9.67 -20.35
N GLU C 62 24.43 10.42 -21.38
CA GLU C 62 23.88 11.77 -21.24
C GLU C 62 22.72 11.81 -20.25
N ASP C 63 21.80 10.86 -20.38
CA ASP C 63 20.63 10.82 -19.50
C ASP C 63 20.87 10.16 -18.13
N LYS C 64 22.13 9.88 -17.84
CA LYS C 64 22.56 9.38 -16.55
C LYS C 64 22.26 7.91 -16.30
N SER C 65 21.72 7.23 -17.31
CA SER C 65 21.76 5.78 -17.33
C SER C 65 23.21 5.33 -17.59
N TYR C 66 23.51 4.08 -17.27
CA TYR C 66 24.76 3.46 -17.67
C TYR C 66 24.51 2.49 -18.83
N ASN C 67 25.37 2.55 -19.84
CA ASN C 67 25.62 1.41 -20.67
C ASN C 67 26.62 0.49 -19.98
N VAL C 68 26.25 -0.77 -19.78
CA VAL C 68 27.05 -1.66 -18.95
C VAL C 68 27.45 -2.87 -19.81
N THR C 69 28.74 -3.11 -19.92
CA THR C 69 29.24 -4.20 -20.77
C THR C 69 30.08 -5.15 -19.91
N SER C 70 29.69 -6.42 -19.87
CA SER C 70 30.53 -7.42 -19.25
C SER C 70 31.22 -8.22 -20.33
N VAL C 71 32.49 -8.52 -20.07
CA VAL C 71 33.33 -9.27 -20.99
C VAL C 71 33.78 -10.54 -20.30
N LEU C 72 33.44 -11.67 -20.88
CA LEU C 72 33.74 -12.98 -20.32
C LEU C 72 34.52 -13.80 -21.33
N PHE C 73 35.35 -14.72 -20.82
CA PHE C 73 36.02 -15.70 -21.66
C PHE C 73 35.25 -17.00 -21.52
N ARG C 74 34.55 -17.39 -22.57
CA ARG C 74 33.77 -18.61 -22.55
C ARG C 74 33.78 -19.30 -23.89
N LYS C 75 33.98 -20.61 -23.83
CA LYS C 75 34.06 -21.43 -25.00
C LYS C 75 35.10 -20.89 -25.97
N LYS C 76 36.27 -20.51 -25.42
CA LYS C 76 37.42 -20.10 -26.23
C LYS C 76 37.21 -18.75 -26.94
N LYS C 77 36.12 -18.06 -26.61
CA LYS C 77 35.84 -16.76 -27.23
C LYS C 77 35.58 -15.69 -26.21
N CYS C 78 35.70 -14.43 -26.64
CA CYS C 78 35.28 -13.31 -25.81
C CYS C 78 33.77 -13.09 -25.98
N ASP C 79 33.07 -13.14 -24.87
CA ASP C 79 31.62 -13.02 -24.85
C ASP C 79 31.28 -11.68 -24.21
N TYR C 80 30.36 -10.95 -24.81
CA TYR C 80 30.05 -9.61 -24.38
C TYR C 80 28.58 -9.58 -24.06
N TRP C 81 28.23 -9.16 -22.83
CA TRP C 81 26.86 -8.83 -22.50
C TRP C 81 26.66 -7.34 -22.22
N ILE C 82 25.88 -6.69 -23.07
CA ILE C 82 25.67 -5.26 -23.02
C ILE C 82 24.21 -5.03 -22.60
N ARG C 83 24.02 -4.23 -21.56
CA ARG C 83 22.69 -3.89 -21.09
C ARG C 83 22.69 -2.48 -20.52
N THR C 84 21.52 -1.98 -20.15
CA THR C 84 21.36 -0.60 -19.69
C THR C 84 20.85 -0.61 -18.25
N PHE C 85 21.50 0.18 -17.39
CA PHE C 85 21.03 0.43 -16.03
C PHE C 85 20.40 1.83 -16.01
N VAL C 86 19.12 1.88 -15.71
CA VAL C 86 18.35 3.11 -15.70
C VAL C 86 18.25 3.59 -14.26
N PRO C 87 18.45 4.90 -14.00
CA PRO C 87 18.47 5.37 -12.63
C PRO C 87 17.18 4.99 -11.91
N GLY C 88 17.33 4.55 -10.67
CA GLY C 88 16.19 4.19 -9.86
C GLY C 88 15.79 5.35 -8.98
N SER C 89 15.26 5.06 -7.80
CA SER C 89 14.64 6.08 -6.96
C SER C 89 15.66 7.01 -6.26
N GLN C 90 16.88 6.51 -6.04
CA GLN C 90 17.94 7.25 -5.32
C GLN C 90 19.25 7.10 -6.09
N PRO C 91 20.16 8.09 -5.98
CA PRO C 91 21.48 7.91 -6.52
C PRO C 91 22.18 6.63 -6.01
N GLY C 92 22.72 5.87 -6.94
CA GLY C 92 23.35 4.62 -6.64
C GLY C 92 22.43 3.42 -6.77
N GLU C 93 21.14 3.65 -7.04
CA GLU C 93 20.23 2.58 -7.41
C GLU C 93 19.84 2.65 -8.88
N PHE C 94 19.63 1.48 -9.47
CA PHE C 94 19.29 1.37 -10.88
C PHE C 94 18.35 0.19 -11.06
N THR C 95 17.61 0.21 -12.15
CA THR C 95 16.93 -0.98 -12.64
C THR C 95 17.40 -1.30 -14.05
N LEU C 96 17.09 -2.50 -14.52
CA LEU C 96 17.50 -2.94 -15.88
C LEU C 96 16.58 -2.31 -16.91
N GLY C 97 17.13 -1.64 -17.91
CA GLY C 97 16.34 -1.11 -19.03
C GLY C 97 15.77 -2.24 -19.87
N ASN C 98 14.63 -1.99 -20.48
CA ASN C 98 14.02 -2.91 -21.45
CA ASN C 98 13.98 -2.91 -21.45
C ASN C 98 13.74 -4.29 -20.86
N ILE C 99 13.15 -4.32 -19.68
CA ILE C 99 12.90 -5.57 -18.97
C ILE C 99 12.08 -6.52 -19.83
N LYS C 100 11.18 -5.96 -20.63
CA LYS C 100 10.30 -6.77 -21.47
C LYS C 100 11.08 -7.64 -22.45
N SER C 101 12.29 -7.23 -22.78
CA SER C 101 13.07 -7.93 -23.80
C SER C 101 13.72 -9.19 -23.21
N TYR C 102 13.61 -9.41 -21.91
CA TYR C 102 14.23 -10.57 -21.28
C TYR C 102 13.16 -11.56 -20.80
N PRO C 103 13.02 -12.69 -21.51
CA PRO C 103 11.87 -13.55 -21.21
C PRO C 103 11.86 -14.03 -19.75
N GLY C 104 10.70 -13.91 -19.11
CA GLY C 104 10.55 -14.36 -17.72
C GLY C 104 10.89 -13.35 -16.65
N LEU C 105 11.57 -12.28 -17.05
CA LEU C 105 12.10 -11.34 -16.09
C LEU C 105 11.04 -10.33 -15.67
N THR C 106 10.80 -10.18 -14.38
CA THR C 106 9.80 -9.21 -13.97
C THR C 106 10.38 -8.05 -13.18
N SER C 107 11.54 -8.21 -12.55
CA SER C 107 12.19 -7.09 -11.89
C SER C 107 13.69 -7.30 -11.78
N TYR C 108 14.43 -6.21 -11.74
CA TYR C 108 15.88 -6.27 -11.70
C TYR C 108 16.42 -4.99 -11.09
N LEU C 109 16.93 -5.10 -9.87
CA LEU C 109 17.31 -3.95 -9.07
C LEU C 109 18.82 -4.02 -8.83
N VAL C 110 19.47 -2.87 -8.93
CA VAL C 110 20.87 -2.70 -8.65
C VAL C 110 21.04 -1.67 -7.52
N ARG C 111 21.83 -1.98 -6.50
CA ARG C 111 22.09 -1.02 -5.43
C ARG C 111 23.58 -1.05 -5.11
N VAL C 112 24.24 0.06 -5.32
CA VAL C 112 25.65 0.19 -4.95
C VAL C 112 25.71 0.31 -3.44
N VAL C 113 26.32 -0.69 -2.80
CA VAL C 113 26.38 -0.76 -1.34
C VAL C 113 27.49 0.15 -0.80
N SER C 114 28.66 0.06 -1.40
CA SER C 114 29.82 0.83 -0.93
C SER C 114 30.84 0.87 -2.05
N THR C 115 31.62 1.94 -2.10
CA THR C 115 32.75 2.01 -3.03
C THR C 115 33.64 3.18 -2.63
N ASN C 116 34.92 3.08 -2.96
CA ASN C 116 35.78 4.25 -2.92
C ASN C 116 36.19 4.69 -4.30
N TYR C 117 35.48 4.17 -5.30
CA TYR C 117 35.60 4.60 -6.71
C TYR C 117 36.93 4.27 -7.42
N ASN C 118 38.05 4.43 -6.74
CA ASN C 118 39.35 4.23 -7.34
C ASN C 118 39.97 2.85 -7.11
N GLN C 119 39.38 2.04 -6.24
CA GLN C 119 39.94 0.70 -5.95
C GLN C 119 38.88 -0.40 -5.93
N HIS C 120 37.81 -0.20 -5.18
CA HIS C 120 36.85 -1.28 -4.94
C HIS C 120 35.41 -0.82 -4.84
N ALA C 121 34.50 -1.78 -4.98
CA ALA C 121 33.07 -1.53 -4.81
C ALA C 121 32.39 -2.83 -4.47
N MET C 122 31.26 -2.72 -3.78
CA MET C 122 30.35 -3.82 -3.62
C MET C 122 29.00 -3.38 -4.10
N VAL C 123 28.38 -4.23 -4.91
CA VAL C 123 27.12 -3.90 -5.51
C VAL C 123 26.16 -5.07 -5.34
N PHE C 124 24.94 -4.74 -4.88
CA PHE C 124 23.86 -5.69 -4.65
C PHE C 124 22.93 -5.74 -5.85
N PHE C 125 22.59 -6.95 -6.27
CA PHE C 125 21.67 -7.14 -7.38
C PHE C 125 20.58 -8.08 -6.94
N LYS C 126 19.34 -7.74 -7.31
CA LYS C 126 18.21 -8.58 -7.03
C LYS C 126 17.32 -8.68 -8.26
N LYS C 127 16.97 -9.90 -8.63
CA LYS C 127 16.24 -10.16 -9.85
C LYS C 127 15.14 -11.17 -9.56
N VAL C 128 13.96 -10.92 -10.12
CA VAL C 128 12.88 -11.88 -10.08
C VAL C 128 12.66 -12.39 -11.50
N SER C 129 12.85 -13.69 -11.66
CA SER C 129 12.77 -14.35 -12.95
C SER C 129 11.99 -15.64 -12.82
N GLN C 130 10.97 -15.82 -13.63
CA GLN C 130 10.04 -16.92 -13.45
C GLN C 130 9.60 -17.01 -11.98
N ASN C 131 9.37 -15.85 -11.36
CA ASN C 131 8.87 -15.76 -9.99
C ASN C 131 9.90 -16.13 -8.92
N ARG C 132 11.10 -16.48 -9.35
CA ARG C 132 12.15 -16.81 -8.42
C ARG C 132 12.99 -15.58 -8.14
N GLU C 133 13.28 -15.34 -6.87
CA GLU C 133 13.99 -14.16 -6.43
C GLU C 133 15.46 -14.49 -6.14
N TYR C 134 16.32 -14.05 -7.04
CA TYR C 134 17.74 -14.25 -6.97
C TYR C 134 18.40 -13.00 -6.45
N PHE C 135 19.41 -13.15 -5.61
CA PHE C 135 20.23 -12.01 -5.25
C PHE C 135 21.69 -12.37 -5.26
N LYS C 136 22.52 -11.38 -5.55
CA LYS C 136 23.93 -11.52 -5.39
C LYS C 136 24.57 -10.25 -4.93
N ILE C 137 25.77 -10.40 -4.38
CA ILE C 137 26.66 -9.26 -4.12
C ILE C 137 27.91 -9.48 -4.96
N THR C 138 28.26 -8.46 -5.73
CA THR C 138 29.44 -8.48 -6.54
C THR C 138 30.49 -7.59 -5.92
N LEU C 139 31.68 -8.16 -5.73
CA LEU C 139 32.82 -7.40 -5.29
C LEU C 139 33.65 -7.03 -6.51
N TYR C 140 33.75 -5.74 -6.77
CA TYR C 140 34.50 -5.23 -7.88
C TYR C 140 35.85 -4.65 -7.43
N GLY C 141 36.88 -4.84 -8.25
CA GLY C 141 38.18 -4.20 -8.06
C GLY C 141 38.59 -3.50 -9.33
N ARG C 142 39.33 -2.39 -9.20
CA ARG C 142 39.92 -1.75 -10.37
C ARG C 142 41.06 -2.61 -10.92
N THR C 143 41.66 -3.44 -10.06
CA THR C 143 42.64 -4.43 -10.49
C THR C 143 42.12 -5.83 -10.15
N LYS C 144 42.88 -6.85 -10.53
CA LYS C 144 42.39 -8.22 -10.46
C LYS C 144 42.62 -8.85 -9.06
N GLU C 145 43.40 -8.22 -8.22
CA GLU C 145 43.65 -8.78 -6.89
C GLU C 145 42.95 -7.87 -5.92
N LEU C 146 42.56 -8.37 -4.75
CA LEU C 146 42.25 -7.42 -3.68
C LEU C 146 42.73 -7.90 -2.34
N THR C 147 42.84 -6.95 -1.43
CA THR C 147 43.46 -7.17 -0.15
C THR C 147 42.60 -8.11 0.68
N SER C 148 43.24 -8.71 1.67
CA SER C 148 42.54 -9.54 2.64
C SER C 148 41.51 -8.73 3.37
N GLU C 149 41.84 -7.48 3.67
CA GLU C 149 40.89 -6.59 4.32
C GLU C 149 39.59 -6.47 3.53
N LEU C 150 39.72 -6.19 2.25
CA LEU C 150 38.53 -5.98 1.44
C LEU C 150 37.77 -7.31 1.26
N LYS C 151 38.50 -8.39 1.09
CA LYS C 151 37.87 -9.68 0.95
C LYS C 151 37.12 -10.06 2.22
N GLU C 152 37.70 -9.78 3.39
CA GLU C 152 37.00 -10.07 4.63
C GLU C 152 35.75 -9.21 4.79
N ASN C 153 35.84 -7.92 4.44
CA ASN C 153 34.67 -7.04 4.49
C ASN C 153 33.56 -7.64 3.64
N PHE C 154 33.92 -8.18 2.48
CA PHE C 154 32.95 -8.78 1.57
C PHE C 154 32.33 -10.06 2.14
N ILE C 155 33.15 -10.92 2.74
CA ILE C 155 32.65 -12.14 3.35
C ILE C 155 31.71 -11.80 4.49
N ARG C 156 32.12 -10.87 5.35
CA ARG C 156 31.32 -10.48 6.52
C ARG C 156 29.98 -9.93 6.04
N PHE C 157 30.00 -9.05 5.05
CA PHE C 157 28.76 -8.51 4.51
C PHE C 157 27.87 -9.60 3.91
N SER C 158 28.45 -10.51 3.12
CA SER C 158 27.67 -11.58 2.50
C SER C 158 26.97 -12.45 3.53
N LYS C 159 27.70 -12.82 4.58
CA LYS C 159 27.10 -13.59 5.66
C LYS C 159 26.02 -12.84 6.38
N SER C 160 26.17 -11.53 6.52
CA SER C 160 25.13 -10.73 7.17
C SER C 160 23.81 -10.81 6.39
N LEU C 161 23.88 -11.20 5.11
CA LEU C 161 22.68 -11.36 4.29
C LEU C 161 22.17 -12.81 4.21
N GLY C 162 22.69 -13.66 5.08
CA GLY C 162 22.22 -15.04 5.25
C GLY C 162 22.91 -16.03 4.32
N LEU C 163 24.03 -15.64 3.72
CA LEU C 163 24.74 -16.52 2.84
C LEU C 163 25.78 -17.30 3.64
N PRO C 164 25.79 -18.62 3.49
CA PRO C 164 26.89 -19.39 4.02
C PRO C 164 28.12 -19.33 3.11
N GLU C 165 29.23 -19.85 3.62
CA GLU C 165 30.53 -19.66 3.00
C GLU C 165 30.56 -20.31 1.64
N ASN C 166 29.88 -21.43 1.51
CA ASN C 166 29.91 -22.12 0.25
C ASN C 166 29.09 -21.42 -0.83
N HIS C 167 28.45 -20.30 -0.52
CA HIS C 167 27.81 -19.45 -1.54
C HIS C 167 28.61 -18.18 -1.83
N ILE C 168 29.90 -18.22 -1.53
CA ILE C 168 30.80 -17.10 -1.77
C ILE C 168 31.98 -17.62 -2.54
N VAL C 169 32.26 -17.01 -3.69
CA VAL C 169 33.38 -17.44 -4.52
C VAL C 169 34.24 -16.26 -4.92
N PHE C 170 35.50 -16.55 -5.18
CA PHE C 170 36.44 -15.55 -5.66
C PHE C 170 36.98 -15.98 -7.03
N PRO C 171 36.45 -15.40 -8.10
CA PRO C 171 36.85 -15.83 -9.42
C PRO C 171 38.36 -15.74 -9.64
N VAL C 172 38.88 -16.71 -10.39
CA VAL C 172 40.32 -16.81 -10.65
C VAL C 172 40.69 -15.81 -11.74
N PRO C 173 41.72 -15.00 -11.48
CA PRO C 173 42.20 -14.06 -12.49
C PRO C 173 42.55 -14.80 -13.77
N ILE C 174 42.19 -14.23 -14.90
CA ILE C 174 42.66 -14.73 -16.19
C ILE C 174 43.13 -13.55 -17.01
N ASP C 175 43.79 -13.84 -18.13
CA ASP C 175 44.28 -12.83 -19.02
C ASP C 175 43.53 -12.71 -20.34
N GLN C 176 42.81 -13.75 -20.73
CA GLN C 176 42.05 -13.72 -21.98
C GLN C 176 40.85 -12.75 -21.87
N CYS C 177 40.70 -11.92 -22.90
CA CYS C 177 39.50 -11.09 -23.13
C CYS C 177 39.35 -9.89 -22.20
N ILE C 178 39.62 -10.06 -20.92
CA ILE C 178 39.20 -9.07 -19.93
C ILE C 178 40.14 -7.93 -19.69
N ASP C 179 41.23 -7.86 -20.44
CA ASP C 179 42.23 -6.80 -20.28
C ASP C 179 42.31 -5.80 -21.45
N ASP D 4 -3.75 -48.08 5.27
CA ASP D 4 -4.78 -48.45 6.29
C ASP D 4 -5.05 -47.25 7.18
N SER D 5 -6.31 -46.89 7.31
CA SER D 5 -6.68 -45.76 8.16
C SER D 5 -8.19 -45.66 8.36
N THR D 6 -8.54 -44.80 9.33
CA THR D 6 -9.87 -44.22 9.47
C THR D 6 -9.67 -42.73 9.72
N SER D 7 -10.50 -41.89 9.11
CA SER D 7 -10.52 -40.47 9.44
C SER D 7 -11.87 -39.92 8.99
N ASP D 8 -12.23 -38.71 9.44
CA ASP D 8 -13.59 -38.18 9.25
C ASP D 8 -13.53 -36.73 8.78
N LEU D 9 -14.31 -36.39 7.76
CA LEU D 9 -14.29 -35.05 7.21
C LEU D 9 -15.68 -34.44 7.17
N ILE D 10 -15.74 -33.14 7.41
CA ILE D 10 -16.91 -32.35 7.08
C ILE D 10 -17.17 -32.46 5.58
N PRO D 11 -18.39 -32.84 5.19
CA PRO D 11 -18.70 -33.02 3.77
C PRO D 11 -18.53 -31.75 2.94
N ALA D 12 -18.06 -31.89 1.70
CA ALA D 12 -18.02 -30.76 0.78
C ALA D 12 -19.43 -30.22 0.54
N PRO D 13 -19.57 -28.90 0.37
CA PRO D 13 -20.88 -28.36 0.07
C PRO D 13 -21.25 -28.68 -1.39
N PRO D 14 -22.55 -28.70 -1.70
CA PRO D 14 -22.90 -28.73 -3.12
C PRO D 14 -22.44 -27.45 -3.83
N LEU D 15 -22.06 -27.58 -5.09
CA LEU D 15 -21.50 -26.49 -5.84
C LEU D 15 -22.51 -25.37 -6.03
N SER D 16 -23.78 -25.72 -5.94
CA SER D 16 -24.84 -24.71 -5.93
C SER D 16 -24.70 -23.70 -4.79
N LYS D 17 -24.00 -24.07 -3.72
CA LYS D 17 -23.80 -23.10 -2.63
C LYS D 17 -22.57 -22.25 -2.83
N VAL D 18 -21.85 -22.46 -3.93
CA VAL D 18 -20.60 -21.76 -4.13
C VAL D 18 -20.75 -20.83 -5.33
N PRO D 19 -20.94 -19.51 -5.06
CA PRO D 19 -21.10 -18.55 -6.14
C PRO D 19 -19.90 -18.49 -7.05
N LEU D 20 -20.15 -18.04 -8.26
CA LEU D 20 -19.11 -17.74 -9.20
C LEU D 20 -19.08 -16.23 -9.44
N GLN D 21 -17.91 -15.61 -9.41
CA GLN D 21 -17.80 -14.18 -9.72
C GLN D 21 -18.36 -13.88 -11.12
N GLN D 22 -19.34 -13.00 -11.18
CA GLN D 22 -19.94 -12.62 -12.46
C GLN D 22 -18.92 -11.94 -13.37
N ASN D 23 -19.02 -12.25 -14.66
CA ASN D 23 -18.21 -11.56 -15.67
C ASN D 23 -16.72 -11.61 -15.31
N PHE D 24 -16.23 -12.76 -14.92
CA PHE D 24 -14.84 -12.90 -14.46
C PHE D 24 -13.87 -12.42 -15.51
N GLN D 25 -12.91 -11.61 -15.08
CA GLN D 25 -11.96 -10.99 -15.96
C GLN D 25 -10.57 -11.58 -15.71
N ASP D 26 -10.16 -12.54 -16.56
CA ASP D 26 -8.99 -13.34 -16.27
C ASP D 26 -7.71 -12.52 -16.23
N ASN D 27 -7.64 -11.49 -17.05
CA ASN D 27 -6.45 -10.67 -17.12
C ASN D 27 -6.29 -9.81 -15.87
N GLN D 28 -7.39 -9.35 -15.31
CA GLN D 28 -7.37 -8.48 -14.13
C GLN D 28 -7.05 -9.24 -12.83
N PHE D 29 -7.28 -10.54 -12.86
CA PHE D 29 -7.01 -11.38 -11.71
C PHE D 29 -5.51 -11.77 -11.57
N GLN D 30 -4.71 -11.50 -12.61
CA GLN D 30 -3.30 -11.83 -12.61
C GLN D 30 -2.50 -11.09 -11.55
N GLY D 31 -1.30 -11.61 -11.32
CA GLY D 31 -0.34 -10.97 -10.45
C GLY D 31 -0.31 -11.67 -9.10
N LYS D 32 0.20 -10.95 -8.11
CA LYS D 32 0.44 -11.55 -6.81
C LYS D 32 -0.73 -11.33 -5.84
N TRP D 33 -1.10 -12.39 -5.16
CA TRP D 33 -2.08 -12.36 -4.09
C TRP D 33 -1.45 -12.98 -2.83
N TYR D 34 -1.70 -12.37 -1.68
CA TYR D 34 -1.30 -12.94 -0.40
C TYR D 34 -2.46 -13.74 0.15
N VAL D 35 -2.14 -14.85 0.81
CA VAL D 35 -3.14 -15.66 1.44
C VAL D 35 -3.35 -15.13 2.85
N VAL D 36 -4.41 -14.35 2.98
CA VAL D 36 -4.73 -13.67 4.20
C VAL D 36 -5.64 -14.50 5.10
N GLY D 37 -6.38 -15.42 4.50
CA GLY D 37 -7.29 -16.29 5.26
C GLY D 37 -7.43 -17.62 4.58
N LEU D 38 -7.60 -18.66 5.38
CA LEU D 38 -7.86 -20.02 4.88
C LEU D 38 -8.97 -20.65 5.69
N ALA D 39 -9.88 -21.34 5.01
CA ALA D 39 -10.90 -22.14 5.71
C ALA D 39 -11.11 -23.43 4.95
N GLY D 40 -11.35 -24.53 5.65
CA GLY D 40 -11.62 -25.79 4.97
C GLY D 40 -11.75 -26.98 5.90
N ASN D 41 -12.12 -28.12 5.32
CA ASN D 41 -12.34 -29.30 6.13
C ASN D 41 -11.06 -29.99 6.57
N ALA D 42 -9.92 -29.54 6.06
CA ALA D 42 -8.63 -29.98 6.60
C ALA D 42 -7.82 -28.79 7.13
N ILE D 43 -8.49 -27.69 7.45
CA ILE D 43 -7.85 -26.57 8.13
C ILE D 43 -8.27 -26.66 9.60
N LEU D 44 -7.31 -26.54 10.50
CA LEU D 44 -7.60 -26.55 11.93
C LEU D 44 -6.79 -25.49 12.67
N ARG D 45 -7.47 -24.56 13.34
CA ARG D 45 -6.84 -23.46 14.05
C ARG D 45 -6.11 -23.98 15.28
N GLU D 46 -4.83 -23.68 15.40
CA GLU D 46 -4.09 -23.87 16.66
C GLU D 46 -3.46 -22.54 17.10
N ASP D 47 -4.10 -21.88 18.06
CA ASP D 47 -3.51 -20.73 18.74
C ASP D 47 -2.06 -21.03 19.12
N LYS D 48 -1.81 -22.27 19.54
CA LYS D 48 -0.47 -22.71 19.89
C LYS D 48 0.49 -22.56 18.71
N ASP D 49 0.06 -22.98 17.52
CA ASP D 49 0.99 -23.16 16.39
C ASP D 49 0.51 -22.46 15.11
N PRO D 50 0.75 -21.14 14.98
CA PRO D 50 0.12 -20.36 13.90
C PRO D 50 0.78 -20.52 12.52
N GLN D 51 -0.02 -20.50 11.49
CA GLN D 51 0.45 -20.60 10.12
C GLN D 51 1.05 -19.32 9.60
N LYS D 52 2.10 -19.42 8.78
CA LYS D 52 2.71 -18.27 8.15
C LYS D 52 2.09 -17.95 6.81
N MET D 53 1.97 -16.67 6.52
CA MET D 53 1.40 -16.21 5.26
C MET D 53 2.28 -16.70 4.12
N TYR D 54 1.65 -17.05 3.01
CA TYR D 54 2.37 -17.24 1.76
C TYR D 54 1.66 -16.49 0.66
N ALA D 55 2.27 -16.46 -0.51
CA ALA D 55 1.78 -15.69 -1.63
C ALA D 55 1.62 -16.60 -2.82
N THR D 56 0.67 -16.24 -3.67
CA THR D 56 0.44 -16.98 -4.88
C THR D 56 0.34 -16.00 -6.05
N ILE D 57 1.05 -16.32 -7.12
CA ILE D 57 1.10 -15.51 -8.31
C ILE D 57 0.41 -16.21 -9.48
N TYR D 58 -0.52 -15.49 -10.10
CA TYR D 58 -1.29 -16.00 -11.22
C TYR D 58 -0.78 -15.32 -12.47
N GLU D 59 -0.31 -16.11 -13.42
CA GLU D 59 0.07 -15.53 -14.71
C GLU D 59 -0.70 -16.20 -15.83
N LEU D 60 -1.33 -15.36 -16.63
CA LEU D 60 -2.22 -15.84 -17.68
C LEU D 60 -1.32 -16.21 -18.86
N LYS D 61 -1.40 -17.44 -19.32
CA LYS D 61 -0.62 -17.84 -20.48
C LYS D 61 -1.33 -17.52 -21.79
N GLU D 62 -0.59 -17.71 -22.88
CA GLU D 62 -1.11 -17.54 -24.23
C GLU D 62 -2.43 -18.26 -24.42
N ASP D 63 -2.48 -19.53 -24.02
CA ASP D 63 -3.68 -20.34 -24.19
C ASP D 63 -4.75 -20.11 -23.12
N LYS D 64 -4.55 -19.08 -22.27
CA LYS D 64 -5.57 -18.65 -21.29
C LYS D 64 -5.69 -19.55 -20.09
N SER D 65 -4.86 -20.58 -20.01
CA SER D 65 -4.60 -21.20 -18.72
C SER D 65 -3.80 -20.27 -17.82
N TYR D 66 -3.82 -20.50 -16.50
CA TYR D 66 -2.93 -19.81 -15.59
C TYR D 66 -1.76 -20.70 -15.22
N ASN D 67 -0.57 -20.15 -15.25
CA ASN D 67 0.51 -20.65 -14.45
C ASN D 67 0.38 -20.06 -13.06
N VAL D 68 0.34 -20.93 -12.06
CA VAL D 68 0.07 -20.50 -10.70
C VAL D 68 1.23 -20.94 -9.81
N THR D 69 1.89 -19.96 -9.19
CA THR D 69 3.09 -20.23 -8.38
C THR D 69 2.86 -19.73 -6.96
N SER D 70 2.96 -20.64 -6.00
CA SER D 70 2.92 -20.24 -4.62
C SER D 70 4.33 -20.24 -4.04
N VAL D 71 4.61 -19.24 -3.23
CA VAL D 71 5.90 -19.06 -2.61
C VAL D 71 5.75 -19.10 -1.10
N LEU D 72 6.42 -20.06 -0.48
CA LEU D 72 6.29 -20.28 0.97
C LEU D 72 7.66 -20.18 1.60
N PHE D 73 7.70 -19.69 2.83
CA PHE D 73 8.94 -19.68 3.60
C PHE D 73 8.92 -20.90 4.50
N ARG D 74 9.79 -21.86 4.22
CA ARG D 74 9.86 -23.06 5.04
C ARG D 74 11.29 -23.55 5.16
N LYS D 75 11.66 -23.94 6.37
CA LYS D 75 12.99 -24.43 6.66
C LYS D 75 14.06 -23.41 6.20
N LYS D 76 13.80 -22.15 6.47
CA LYS D 76 14.74 -21.06 6.22
C LYS D 76 14.96 -20.75 4.72
N LYS D 77 14.17 -21.38 3.86
CA LYS D 77 14.26 -21.14 2.41
C LYS D 77 12.92 -20.78 1.78
N CYS D 78 12.97 -20.22 0.57
CA CYS D 78 11.78 -20.00 -0.22
C CYS D 78 11.49 -21.26 -1.03
N ASP D 79 10.28 -21.77 -0.87
CA ASP D 79 9.80 -22.97 -1.53
CA ASP D 79 9.86 -22.95 -1.58
C ASP D 79 8.76 -22.54 -2.55
N TYR D 80 8.84 -23.07 -3.76
CA TYR D 80 7.99 -22.61 -4.86
C TYR D 80 7.15 -23.78 -5.39
N TRP D 81 5.81 -23.70 -5.32
CA TRP D 81 4.92 -24.74 -5.89
C TRP D 81 4.21 -24.23 -7.13
N ILE D 82 4.51 -24.84 -8.27
CA ILE D 82 4.06 -24.35 -9.56
C ILE D 82 3.07 -25.36 -10.13
N ARG D 83 1.91 -24.89 -10.54
CA ARG D 83 0.94 -25.75 -11.19
C ARG D 83 0.13 -24.93 -12.21
N THR D 84 -0.72 -25.62 -12.97
CA THR D 84 -1.48 -24.99 -14.03
C THR D 84 -2.97 -25.09 -13.69
N PHE D 85 -3.70 -23.97 -13.83
CA PHE D 85 -5.16 -23.97 -13.76
C PHE D 85 -5.70 -23.84 -15.18
N VAL D 86 -6.42 -24.86 -15.62
CA VAL D 86 -6.94 -24.94 -16.96
C VAL D 86 -8.39 -24.46 -16.93
N PRO D 87 -8.79 -23.58 -17.89
CA PRO D 87 -10.16 -23.06 -17.87
C PRO D 87 -11.21 -24.17 -17.88
N GLY D 88 -12.22 -24.04 -17.03
CA GLY D 88 -13.28 -25.05 -16.90
C GLY D 88 -14.58 -24.61 -17.56
N SER D 89 -15.71 -25.05 -17.00
CA SER D 89 -16.98 -24.99 -17.69
C SER D 89 -17.51 -23.56 -17.88
N GLN D 90 -16.99 -22.62 -17.10
CA GLN D 90 -17.46 -21.24 -17.19
C GLN D 90 -16.38 -20.28 -16.67
N PRO D 91 -16.47 -19.00 -17.09
CA PRO D 91 -15.39 -18.08 -16.71
C PRO D 91 -15.23 -17.96 -15.20
N GLY D 92 -14.01 -18.11 -14.72
CA GLY D 92 -13.74 -18.09 -13.30
C GLY D 92 -13.66 -19.45 -12.65
N GLU D 93 -13.93 -20.48 -13.44
CA GLU D 93 -13.78 -21.87 -12.98
C GLU D 93 -12.63 -22.55 -13.71
N PHE D 94 -11.89 -23.40 -12.99
CA PHE D 94 -10.70 -24.05 -13.52
C PHE D 94 -10.60 -25.48 -12.95
N THR D 95 -9.86 -26.34 -13.63
CA THR D 95 -9.36 -27.56 -13.02
C THR D 95 -7.84 -27.55 -13.03
N LEU D 96 -7.23 -28.45 -12.24
CA LEU D 96 -5.76 -28.55 -12.20
C LEU D 96 -5.29 -29.22 -13.47
N GLY D 97 -4.31 -28.65 -14.15
CA GLY D 97 -3.63 -29.33 -15.28
C GLY D 97 -2.79 -30.52 -14.82
N ASN D 98 -2.61 -31.48 -15.72
CA ASN D 98 -1.74 -32.63 -15.49
CA ASN D 98 -1.74 -32.63 -15.49
C ASN D 98 -2.07 -33.39 -14.21
N ILE D 99 -3.35 -33.68 -14.00
CA ILE D 99 -3.78 -34.36 -12.79
C ILE D 99 -3.07 -35.71 -12.65
N LYS D 100 -2.75 -36.33 -13.77
CA LYS D 100 -2.10 -37.64 -13.80
C LYS D 100 -0.75 -37.63 -13.11
N SER D 101 -0.15 -36.46 -13.01
CA SER D 101 1.19 -36.35 -12.45
C SER D 101 1.17 -36.34 -10.93
N TYR D 102 -0.03 -36.31 -10.33
CA TYR D 102 -0.16 -36.24 -8.89
C TYR D 102 -0.77 -37.54 -8.35
N PRO D 103 0.05 -38.38 -7.71
CA PRO D 103 -0.44 -39.68 -7.29
C PRO D 103 -1.63 -39.58 -6.34
N GLY D 104 -2.67 -40.36 -6.60
CA GLY D 104 -3.84 -40.39 -5.71
C GLY D 104 -4.90 -39.36 -6.05
N LEU D 105 -4.56 -38.37 -6.87
CA LEU D 105 -5.44 -37.26 -7.14
C LEU D 105 -6.40 -37.61 -8.26
N THR D 106 -7.69 -37.50 -8.02
CA THR D 106 -8.63 -37.83 -9.07
C THR D 106 -9.42 -36.66 -9.57
N SER D 107 -9.56 -35.60 -8.77
CA SER D 107 -10.20 -34.39 -9.26
C SER D 107 -9.75 -33.16 -8.48
N TYR D 108 -9.81 -32.00 -9.12
CA TYR D 108 -9.34 -30.77 -8.52
C TYR D 108 -10.01 -29.60 -9.22
N LEU D 109 -10.86 -28.90 -8.47
CA LEU D 109 -11.71 -27.88 -9.04
C LEU D 109 -11.45 -26.55 -8.34
N VAL D 110 -11.42 -25.47 -9.12
CA VAL D 110 -11.19 -24.12 -8.63
C VAL D 110 -12.36 -23.27 -9.07
N ARG D 111 -12.95 -22.50 -8.15
CA ARG D 111 -13.97 -21.55 -8.53
C ARG D 111 -13.73 -20.19 -7.84
N VAL D 112 -13.54 -19.14 -8.64
CA VAL D 112 -13.45 -17.80 -8.08
C VAL D 112 -14.82 -17.34 -7.66
N VAL D 113 -15.00 -17.17 -6.36
CA VAL D 113 -16.29 -16.85 -5.78
C VAL D 113 -16.60 -15.36 -5.92
N SER D 114 -15.62 -14.52 -5.59
CA SER D 114 -15.81 -13.08 -5.61
C SER D 114 -14.45 -12.44 -5.64
N THR D 115 -14.35 -11.28 -6.26
CA THR D 115 -13.14 -10.47 -6.21
C THR D 115 -13.46 -9.07 -6.71
N ASN D 116 -12.70 -8.09 -6.25
CA ASN D 116 -12.69 -6.77 -6.88
C ASN D 116 -11.38 -6.47 -7.58
N TYR D 117 -10.58 -7.52 -7.76
CA TYR D 117 -9.37 -7.55 -8.58
C TYR D 117 -8.18 -6.79 -7.99
N ASN D 118 -8.43 -5.63 -7.40
CA ASN D 118 -7.32 -4.78 -6.97
C ASN D 118 -7.14 -4.76 -5.44
N GLN D 119 -7.95 -5.51 -4.70
CA GLN D 119 -7.77 -5.63 -3.25
C GLN D 119 -7.95 -7.03 -2.69
N HIS D 120 -9.06 -7.68 -3.04
CA HIS D 120 -9.39 -8.95 -2.40
C HIS D 120 -10.07 -9.92 -3.34
N ALA D 121 -10.00 -11.19 -2.96
CA ALA D 121 -10.72 -12.25 -3.66
C ALA D 121 -11.02 -13.39 -2.69
N MET D 122 -12.06 -14.15 -2.99
CA MET D 122 -12.27 -15.43 -2.34
C MET D 122 -12.38 -16.48 -3.38
N VAL D 123 -11.64 -17.57 -3.17
CA VAL D 123 -11.59 -18.63 -4.15
C VAL D 123 -11.82 -19.98 -3.47
N PHE D 124 -12.69 -20.77 -4.10
CA PHE D 124 -13.07 -22.09 -3.58
C PHE D 124 -12.26 -23.18 -4.30
N PHE D 125 -11.78 -24.16 -3.54
CA PHE D 125 -11.06 -25.31 -4.09
C PHE D 125 -11.65 -26.59 -3.55
N LYS D 126 -11.80 -27.56 -4.44
CA LYS D 126 -12.24 -28.88 -4.04
C LYS D 126 -11.38 -29.93 -4.71
N LYS D 127 -10.93 -30.90 -3.94
CA LYS D 127 -10.01 -31.91 -4.41
C LYS D 127 -10.43 -33.29 -3.88
N VAL D 128 -10.36 -34.30 -4.74
CA VAL D 128 -10.52 -35.67 -4.31
C VAL D 128 -9.21 -36.43 -4.43
N SER D 129 -8.72 -36.90 -3.29
CA SER D 129 -7.41 -37.49 -3.20
C SER D 129 -7.50 -38.70 -2.31
N GLN D 130 -7.00 -39.83 -2.79
CA GLN D 130 -7.20 -41.09 -2.10
C GLN D 130 -8.67 -41.25 -1.69
N ASN D 131 -9.57 -40.83 -2.56
CA ASN D 131 -11.00 -41.05 -2.36
C ASN D 131 -11.59 -40.15 -1.28
N ARG D 132 -10.77 -39.26 -0.74
CA ARG D 132 -11.23 -38.29 0.25
C ARG D 132 -11.50 -36.94 -0.40
N GLU D 133 -12.62 -36.33 -0.03
CA GLU D 133 -13.01 -35.06 -0.60
C GLU D 133 -12.68 -33.89 0.32
N TYR D 134 -11.71 -33.09 -0.08
CA TYR D 134 -11.25 -31.94 0.68
C TYR D 134 -11.75 -30.67 0.01
N PHE D 135 -12.11 -29.68 0.81
CA PHE D 135 -12.42 -28.40 0.25
C PHE D 135 -11.88 -27.28 1.12
N LYS D 136 -11.52 -26.19 0.47
CA LYS D 136 -11.12 -24.98 1.17
C LYS D 136 -11.58 -23.72 0.46
N ILE D 137 -11.64 -22.64 1.22
CA ILE D 137 -11.81 -21.31 0.68
C ILE D 137 -10.60 -20.50 1.10
N THR D 138 -10.01 -19.84 0.12
CA THR D 138 -8.82 -19.02 0.32
C THR D 138 -9.27 -17.58 0.17
N LEU D 139 -8.93 -16.78 1.17
CA LEU D 139 -9.09 -15.35 1.11
C LEU D 139 -7.77 -14.71 0.71
N TYR D 140 -7.78 -14.11 -0.48
CA TYR D 140 -6.60 -13.47 -1.03
C TYR D 140 -6.71 -11.96 -0.84
N GLY D 141 -5.58 -11.34 -0.56
CA GLY D 141 -5.46 -9.89 -0.57
C GLY D 141 -4.30 -9.45 -1.46
N ARG D 142 -4.43 -8.30 -2.09
CA ARG D 142 -3.30 -7.73 -2.81
C ARG D 142 -2.23 -7.24 -1.85
N THR D 143 -2.64 -6.92 -0.62
CA THR D 143 -1.71 -6.62 0.45
C THR D 143 -1.84 -7.66 1.56
N LYS D 144 -0.99 -7.56 2.56
CA LYS D 144 -0.94 -8.58 3.60
C LYS D 144 -1.98 -8.39 4.69
N GLU D 145 -2.64 -7.24 4.69
CA GLU D 145 -3.73 -6.95 5.63
C GLU D 145 -5.06 -6.83 4.88
N LEU D 146 -6.15 -7.22 5.50
CA LEU D 146 -7.46 -6.81 4.99
C LEU D 146 -8.34 -6.33 6.11
N THR D 147 -9.40 -5.61 5.76
CA THR D 147 -10.28 -5.02 6.74
C THR D 147 -11.02 -6.10 7.53
N SER D 148 -11.49 -5.73 8.72
CA SER D 148 -12.35 -6.60 9.51
C SER D 148 -13.58 -6.97 8.72
N GLU D 149 -14.10 -6.00 7.97
CA GLU D 149 -15.30 -6.24 7.18
C GLU D 149 -15.10 -7.39 6.22
N LEU D 150 -13.97 -7.39 5.53
CA LEU D 150 -13.71 -8.41 4.55
C LEU D 150 -13.45 -9.76 5.22
N LYS D 151 -12.76 -9.72 6.35
CA LYS D 151 -12.56 -10.92 7.12
C LYS D 151 -13.85 -11.51 7.65
N GLU D 152 -14.75 -10.67 8.11
CA GLU D 152 -16.06 -11.15 8.56
C GLU D 152 -16.92 -11.70 7.43
N ASN D 153 -16.87 -11.08 6.25
CA ASN D 153 -17.53 -11.65 5.07
C ASN D 153 -16.99 -13.04 4.74
N PHE D 154 -15.68 -13.21 4.85
CA PHE D 154 -15.04 -14.50 4.62
C PHE D 154 -15.49 -15.54 5.64
N ILE D 155 -15.56 -15.12 6.90
CA ILE D 155 -16.01 -16.04 7.93
C ILE D 155 -17.47 -16.45 7.69
N ARG D 156 -18.32 -15.47 7.36
CA ARG D 156 -19.72 -15.75 7.08
C ARG D 156 -19.83 -16.72 5.90
N PHE D 157 -19.07 -16.48 4.84
CA PHE D 157 -19.16 -17.37 3.68
C PHE D 157 -18.67 -18.79 4.01
N SER D 158 -17.57 -18.88 4.75
CA SER D 158 -17.05 -20.19 5.20
C SER D 158 -18.09 -20.95 5.99
N LYS D 159 -18.75 -20.26 6.91
CA LYS D 159 -19.76 -20.90 7.72
C LYS D 159 -20.95 -21.35 6.88
N SER D 160 -21.28 -20.60 5.83
CA SER D 160 -22.40 -21.01 4.96
C SER D 160 -22.07 -22.33 4.26
N LEU D 161 -20.79 -22.69 4.19
CA LEU D 161 -20.39 -23.97 3.63
C LEU D 161 -20.14 -25.07 4.64
N GLY D 162 -20.58 -24.83 5.87
CA GLY D 162 -20.56 -25.84 6.91
C GLY D 162 -19.29 -25.87 7.74
N LEU D 163 -18.47 -24.83 7.65
CA LEU D 163 -17.24 -24.80 8.43
C LEU D 163 -17.43 -24.02 9.73
N PRO D 164 -17.12 -24.66 10.86
CA PRO D 164 -17.08 -23.91 12.10
C PRO D 164 -15.83 -23.04 12.23
N GLU D 165 -15.82 -22.19 13.26
CA GLU D 165 -14.82 -21.12 13.38
C GLU D 165 -13.42 -21.72 13.56
N ASN D 166 -13.34 -22.89 14.17
CA ASN D 166 -12.04 -23.50 14.38
C ASN D 166 -11.45 -24.14 13.12
N HIS D 167 -12.18 -24.11 12.02
CA HIS D 167 -11.62 -24.52 10.72
C HIS D 167 -11.30 -23.32 9.83
N ILE D 168 -11.10 -22.17 10.46
CA ILE D 168 -10.77 -20.95 9.75
C ILE D 168 -9.50 -20.38 10.41
N VAL D 169 -8.48 -20.11 9.60
CA VAL D 169 -7.26 -19.50 10.12
C VAL D 169 -6.84 -18.28 9.31
N PHE D 170 -6.14 -17.38 9.98
CA PHE D 170 -5.63 -16.16 9.34
C PHE D 170 -4.10 -16.14 9.45
N PRO D 171 -3.40 -16.56 8.39
CA PRO D 171 -1.94 -16.68 8.45
C PRO D 171 -1.24 -15.37 8.84
N VAL D 172 -0.18 -15.48 9.61
CA VAL D 172 0.54 -14.34 10.13
C VAL D 172 1.43 -13.76 9.02
N PRO D 173 1.33 -12.46 8.78
CA PRO D 173 2.18 -11.82 7.80
C PRO D 173 3.65 -12.07 8.08
N ILE D 174 4.43 -12.31 7.04
CA ILE D 174 5.88 -12.38 7.18
C ILE D 174 6.51 -11.59 6.05
N ASP D 175 7.81 -11.35 6.15
CA ASP D 175 8.51 -10.61 5.11
C ASP D 175 9.38 -11.49 4.21
N GLN D 176 9.83 -12.63 4.71
CA GLN D 176 10.69 -13.53 3.92
C GLN D 176 9.92 -14.06 2.71
N CYS D 177 10.57 -14.04 1.55
CA CYS D 177 10.15 -14.75 0.34
C CYS D 177 8.99 -14.12 -0.39
N ILE D 178 8.00 -13.64 0.35
CA ILE D 178 6.74 -13.28 -0.26
C ILE D 178 6.68 -11.78 -0.59
N ASP D 179 7.77 -11.08 -0.28
CA ASP D 179 7.82 -9.61 -0.17
C ASP D 179 6.90 -9.05 0.91
N ASP E 4 -17.00 -34.51 52.53
CA ASP E 4 -17.76 -34.18 51.30
C ASP E 4 -17.06 -34.78 50.06
N SER E 5 -15.99 -34.14 49.58
CA SER E 5 -15.72 -34.15 48.13
C SER E 5 -14.27 -33.83 47.70
N THR E 6 -14.02 -34.10 46.42
CA THR E 6 -12.85 -33.61 45.72
C THR E 6 -13.34 -33.05 44.39
N SER E 7 -12.76 -31.94 43.96
CA SER E 7 -12.99 -31.43 42.62
C SER E 7 -11.80 -30.59 42.17
N ASP E 8 -11.66 -30.45 40.85
CA ASP E 8 -10.53 -29.76 40.26
C ASP E 8 -11.07 -28.73 39.29
N LEU E 9 -10.72 -27.46 39.53
CA LEU E 9 -11.31 -26.39 38.78
C LEU E 9 -10.25 -25.51 38.16
N ILE E 10 -10.52 -25.03 36.96
CA ILE E 10 -9.70 -23.95 36.41
C ILE E 10 -9.81 -22.75 37.33
N PRO E 11 -8.67 -22.14 37.70
CA PRO E 11 -8.72 -21.07 38.71
C PRO E 11 -9.48 -19.87 38.23
N ALA E 12 -10.24 -19.23 39.14
CA ALA E 12 -10.85 -17.94 38.81
C ALA E 12 -9.73 -16.98 38.45
N PRO E 13 -9.94 -16.14 37.44
CA PRO E 13 -8.94 -15.13 37.12
C PRO E 13 -8.95 -14.06 38.20
N PRO E 14 -7.83 -13.38 38.39
CA PRO E 14 -7.90 -12.19 39.22
C PRO E 14 -8.86 -11.13 38.64
N LEU E 15 -9.51 -10.39 39.52
CA LEU E 15 -10.51 -9.43 39.11
C LEU E 15 -9.89 -8.34 38.26
N SER E 16 -8.59 -8.16 38.41
CA SER E 16 -7.85 -7.22 37.57
C SER E 16 -7.90 -7.58 36.08
N LYS E 17 -8.19 -8.83 35.74
CA LYS E 17 -8.30 -9.23 34.33
C LYS E 17 -9.73 -9.10 33.81
N VAL E 18 -10.64 -8.66 34.66
CA VAL E 18 -12.06 -8.63 34.29
C VAL E 18 -12.48 -7.17 34.26
N PRO E 19 -12.57 -6.60 33.06
CA PRO E 19 -13.00 -5.21 32.96
C PRO E 19 -14.40 -4.96 33.54
N LEU E 20 -14.63 -3.73 33.94
CA LEU E 20 -15.97 -3.24 34.32
C LEU E 20 -16.43 -2.24 33.28
N GLN E 21 -17.64 -2.42 32.78
CA GLN E 21 -18.21 -1.46 31.84
C GLN E 21 -18.15 -0.06 32.43
N GLN E 22 -17.61 0.89 31.66
CA GLN E 22 -17.54 2.29 32.09
C GLN E 22 -18.91 2.91 32.24
N ASN E 23 -19.08 3.68 33.31
CA ASN E 23 -20.28 4.50 33.45
C ASN E 23 -21.53 3.67 33.18
N PHE E 24 -21.65 2.56 33.90
CA PHE E 24 -22.77 1.64 33.69
C PHE E 24 -24.12 2.33 33.83
N GLN E 25 -25.01 2.08 32.88
CA GLN E 25 -26.30 2.77 32.78
C GLN E 25 -27.41 1.79 33.11
N ASP E 26 -27.86 1.81 34.36
CA ASP E 26 -28.69 0.73 34.85
C ASP E 26 -30.05 0.68 34.13
N ASN E 27 -30.56 1.84 33.73
CA ASN E 27 -31.82 1.92 33.02
CA ASN E 27 -31.84 1.90 33.03
C ASN E 27 -31.74 1.30 31.61
N GLN E 28 -30.64 1.56 30.92
CA GLN E 28 -30.43 1.03 29.59
C GLN E 28 -30.18 -0.50 29.62
N PHE E 29 -29.71 -1.04 30.74
CA PHE E 29 -29.39 -2.47 30.83
C PHE E 29 -30.61 -3.33 31.13
N GLN E 30 -31.68 -2.73 31.61
CA GLN E 30 -32.80 -3.53 32.07
C GLN E 30 -33.53 -4.17 30.89
N GLY E 31 -34.47 -5.07 31.20
CA GLY E 31 -35.30 -5.73 30.19
C GLY E 31 -34.83 -7.16 29.92
N LYS E 32 -35.27 -7.72 28.80
CA LYS E 32 -35.01 -9.14 28.51
C LYS E 32 -33.73 -9.31 27.71
N TRP E 33 -32.92 -10.26 28.15
CA TRP E 33 -31.73 -10.70 27.45
C TRP E 33 -31.83 -12.22 27.25
N TYR E 34 -31.36 -12.69 26.09
CA TYR E 34 -31.19 -14.12 25.86
C TYR E 34 -29.75 -14.52 26.12
N VAL E 35 -29.57 -15.70 26.69
CA VAL E 35 -28.23 -16.22 26.93
C VAL E 35 -27.73 -16.92 25.68
N VAL E 36 -26.90 -16.21 24.93
CA VAL E 36 -26.47 -16.65 23.61
C VAL E 36 -25.10 -17.35 23.70
N GLY E 37 -24.36 -17.08 24.78
CA GLY E 37 -23.10 -17.78 25.04
C GLY E 37 -22.85 -17.93 26.53
N LEU E 38 -22.16 -19.01 26.89
CA LEU E 38 -21.73 -19.26 28.27
C LEU E 38 -20.32 -19.82 28.26
N ALA E 39 -19.48 -19.34 29.18
CA ALA E 39 -18.16 -19.90 29.38
C ALA E 39 -17.83 -19.90 30.85
N GLY E 40 -17.13 -20.92 31.33
CA GLY E 40 -16.76 -20.93 32.73
C GLY E 40 -16.10 -22.20 33.17
N ASN E 41 -15.64 -22.23 34.42
CA ASN E 41 -14.96 -23.38 34.91
C ASN E 41 -15.87 -24.53 35.33
N ALA E 42 -17.18 -24.31 35.29
CA ALA E 42 -18.12 -25.42 35.41
C ALA E 42 -19.04 -25.49 34.18
N ILE E 43 -18.59 -24.92 33.06
CA ILE E 43 -19.28 -25.10 31.79
C ILE E 43 -18.51 -26.10 30.97
N LEU E 44 -19.23 -27.07 30.41
CA LEU E 44 -18.61 -28.11 29.60
C LEU E 44 -19.47 -28.41 28.38
N ARG E 45 -18.87 -28.33 27.20
CA ARG E 45 -19.56 -28.77 25.98
C ARG E 45 -20.07 -30.20 26.22
N GLU E 46 -21.36 -30.45 25.95
CA GLU E 46 -21.90 -31.83 25.94
C GLU E 46 -22.59 -32.13 24.61
N ASP E 47 -21.83 -32.68 23.66
CA ASP E 47 -22.33 -32.97 22.32
C ASP E 47 -23.63 -33.79 22.36
N LYS E 48 -23.69 -34.75 23.29
CA LYS E 48 -24.86 -35.61 23.43
C LYS E 48 -26.10 -34.79 23.75
N ASP E 49 -25.99 -33.89 24.73
CA ASP E 49 -27.15 -33.20 25.28
C ASP E 49 -26.91 -31.69 25.33
N PRO E 50 -27.08 -31.00 24.19
CA PRO E 50 -26.62 -29.62 24.06
C PRO E 50 -27.40 -28.68 24.98
N GLN E 51 -26.71 -27.68 25.50
CA GLN E 51 -27.36 -26.67 26.32
C GLN E 51 -28.44 -25.91 25.52
N LYS E 52 -29.63 -25.77 26.11
CA LYS E 52 -30.70 -24.98 25.49
C LYS E 52 -30.63 -23.53 25.96
N MET E 53 -30.98 -22.63 25.06
CA MET E 53 -31.03 -21.22 25.37
C MET E 53 -32.02 -20.99 26.49
N TYR E 54 -31.69 -20.07 27.38
CA TYR E 54 -32.66 -19.51 28.29
C TYR E 54 -32.59 -17.99 28.28
N ALA E 55 -33.54 -17.36 28.97
CA ALA E 55 -33.65 -15.92 28.96
C ALA E 55 -33.61 -15.41 30.39
N THR E 56 -33.12 -14.17 30.53
CA THR E 56 -33.03 -13.53 31.83
C THR E 56 -33.54 -12.08 31.70
N ILE E 57 -34.48 -11.74 32.58
CA ILE E 57 -35.08 -10.42 32.58
C ILE E 57 -34.61 -9.63 33.80
N TYR E 58 -34.07 -8.44 33.54
CA TYR E 58 -33.61 -7.55 34.58
C TYR E 58 -34.64 -6.42 34.70
N GLU E 59 -35.31 -6.34 35.84
CA GLU E 59 -36.22 -5.21 36.09
C GLU E 59 -35.63 -4.29 37.14
N LEU E 60 -35.44 -3.02 36.77
CA LEU E 60 -34.80 -2.05 37.66
C LEU E 60 -35.82 -1.54 38.62
N LYS E 61 -35.58 -1.71 39.92
CA LYS E 61 -36.55 -1.30 40.90
C LYS E 61 -36.27 0.12 41.32
N GLU E 62 -37.24 0.66 42.06
CA GLU E 62 -37.16 1.99 42.63
C GLU E 62 -35.82 2.20 43.32
N ASP E 63 -35.41 1.25 44.16
CA ASP E 63 -34.18 1.38 44.93
C ASP E 63 -32.91 1.03 44.14
N LYS E 64 -33.06 0.82 42.83
CA LYS E 64 -31.92 0.60 41.93
C LYS E 64 -31.28 -0.79 42.02
N SER E 65 -31.84 -1.67 42.84
CA SER E 65 -31.58 -3.09 42.67
C SER E 65 -32.33 -3.61 41.44
N TYR E 66 -31.95 -4.79 40.97
CA TYR E 66 -32.70 -5.49 39.93
C TYR E 66 -33.45 -6.67 40.53
N ASN E 67 -34.72 -6.81 40.15
CA ASN E 67 -35.38 -8.12 40.18
CA ASN E 67 -35.38 -8.11 40.18
C ASN E 67 -35.00 -8.89 38.92
N VAL E 68 -34.40 -10.06 39.10
CA VAL E 68 -33.80 -10.79 37.99
C VAL E 68 -34.50 -12.13 37.88
N THR E 69 -35.12 -12.37 36.73
CA THR E 69 -35.83 -13.63 36.50
C THR E 69 -35.20 -14.35 35.32
N SER E 70 -34.77 -15.59 35.54
CA SER E 70 -34.39 -16.45 34.44
C SER E 70 -35.47 -17.48 34.19
N VAL E 71 -35.73 -17.75 32.91
CA VAL E 71 -36.69 -18.77 32.54
C VAL E 71 -36.04 -19.82 31.64
N LEU E 72 -36.12 -21.07 32.08
CA LEU E 72 -35.47 -22.18 31.38
C LEU E 72 -36.51 -23.20 31.02
N PHE E 73 -36.29 -23.91 29.91
CA PHE E 73 -37.15 -25.02 29.54
C PHE E 73 -36.45 -26.30 29.97
N ARG E 74 -36.99 -26.95 30.98
CA ARG E 74 -36.41 -28.18 31.47
C ARG E 74 -37.48 -29.17 31.82
N LYS E 75 -37.29 -30.40 31.36
CA LYS E 75 -38.18 -31.51 31.62
C LYS E 75 -39.60 -31.15 31.22
N LYS E 76 -39.73 -30.52 30.06
CA LYS E 76 -41.03 -30.19 29.48
C LYS E 76 -41.78 -29.05 30.21
N LYS E 77 -41.11 -28.39 31.14
CA LYS E 77 -41.71 -27.29 31.88
C LYS E 77 -40.88 -26.02 31.81
N CYS E 78 -41.53 -24.89 32.09
CA CYS E 78 -40.81 -23.63 32.28
C CYS E 78 -40.38 -23.53 33.74
N ASP E 79 -39.08 -23.38 33.93
CA ASP E 79 -38.47 -23.30 35.24
C ASP E 79 -38.05 -21.86 35.42
N TYR E 80 -38.47 -21.24 36.51
CA TYR E 80 -38.22 -19.82 36.73
C TYR E 80 -37.36 -19.71 37.95
N TRP E 81 -36.26 -18.96 37.84
CA TRP E 81 -35.48 -18.57 39.01
C TRP E 81 -35.51 -17.04 39.16
N ILE E 82 -36.08 -16.59 40.26
CA ILE E 82 -36.19 -15.18 40.58
C ILE E 82 -35.25 -14.89 41.75
N ARG E 83 -34.41 -13.87 41.59
CA ARG E 83 -33.53 -13.40 42.65
C ARG E 83 -33.32 -11.90 42.52
N THR E 84 -32.66 -11.31 43.52
CA THR E 84 -32.42 -9.88 43.54
C THR E 84 -30.92 -9.63 43.39
N PHE E 85 -30.54 -8.72 42.49
CA PHE E 85 -29.18 -8.19 42.42
C PHE E 85 -29.16 -6.80 43.06
N VAL E 86 -28.38 -6.67 44.12
CA VAL E 86 -28.25 -5.45 44.87
C VAL E 86 -26.96 -4.75 44.42
N PRO E 87 -27.02 -3.44 44.17
CA PRO E 87 -25.84 -2.73 43.69
C PRO E 87 -24.65 -2.91 44.61
N GLY E 88 -23.49 -3.17 44.03
CA GLY E 88 -22.24 -3.37 44.78
C GLY E 88 -21.40 -2.12 44.86
N SER E 89 -20.08 -2.27 44.90
CA SER E 89 -19.19 -1.15 45.25
C SER E 89 -18.96 -0.14 44.12
N GLN E 90 -19.24 -0.54 42.89
CA GLN E 90 -19.14 0.35 41.74
C GLN E 90 -20.34 0.08 40.85
N PRO E 91 -20.74 1.09 40.07
CA PRO E 91 -21.83 0.86 39.13
C PRO E 91 -21.49 -0.24 38.15
N GLY E 92 -22.41 -1.18 37.98
CA GLY E 92 -22.22 -2.32 37.11
C GLY E 92 -21.78 -3.55 37.84
N GLU E 93 -21.52 -3.41 39.16
CA GLU E 93 -21.31 -4.56 40.02
C GLU E 93 -22.49 -4.79 40.93
N PHE E 94 -22.75 -6.05 41.24
CA PHE E 94 -23.88 -6.46 42.08
C PHE E 94 -23.47 -7.66 42.92
N THR E 95 -24.18 -7.85 44.02
CA THR E 95 -24.27 -9.16 44.61
C THR E 95 -25.72 -9.60 44.76
N LEU E 96 -25.86 -10.80 45.26
CA LEU E 96 -27.14 -11.40 45.48
C LEU E 96 -27.81 -10.87 46.75
N GLY E 97 -29.02 -10.38 46.62
CA GLY E 97 -29.82 -10.02 47.81
C GLY E 97 -30.15 -11.25 48.61
N ASN E 98 -30.28 -11.06 49.91
CA ASN E 98 -30.53 -12.16 50.84
C ASN E 98 -29.54 -13.29 50.63
N ILE E 99 -28.27 -12.93 50.43
CA ILE E 99 -27.26 -13.92 50.04
C ILE E 99 -27.15 -15.01 51.12
N LYS E 100 -27.42 -14.63 52.36
CA LYS E 100 -27.36 -15.55 53.48
C LYS E 100 -28.41 -16.66 53.44
N SER E 101 -29.43 -16.49 52.63
CA SER E 101 -30.52 -17.47 52.55
C SER E 101 -30.20 -18.64 51.61
N TYR E 102 -29.05 -18.60 50.92
CA TYR E 102 -28.70 -19.67 49.99
C TYR E 102 -27.70 -20.60 50.65
N PRO E 103 -28.11 -21.83 50.97
CA PRO E 103 -27.23 -22.71 51.76
C PRO E 103 -25.92 -23.00 51.03
N GLY E 104 -24.81 -22.93 51.73
CA GLY E 104 -23.51 -23.26 51.15
C GLY E 104 -22.81 -22.09 50.49
N LEU E 105 -23.57 -21.06 50.16
CA LEU E 105 -23.04 -19.96 49.38
C LEU E 105 -22.34 -18.95 50.28
N THR E 106 -21.10 -18.64 49.97
CA THR E 106 -20.26 -17.78 50.80
C THR E 106 -20.11 -16.41 50.17
N SER E 107 -19.97 -16.37 48.87
CA SER E 107 -19.82 -15.10 48.17
C SER E 107 -20.30 -15.19 46.75
N TYR E 108 -20.76 -14.07 46.22
CA TYR E 108 -21.35 -14.03 44.91
C TYR E 108 -21.12 -12.63 44.40
N LEU E 109 -20.56 -12.55 43.20
CA LEU E 109 -20.28 -11.29 42.59
C LEU E 109 -20.72 -11.29 41.14
N VAL E 110 -21.30 -10.17 40.72
CA VAL E 110 -21.68 -9.93 39.32
C VAL E 110 -20.95 -8.68 38.85
N ARG E 111 -20.31 -8.75 37.70
CA ARG E 111 -19.65 -7.60 37.14
C ARG E 111 -19.97 -7.53 35.66
N VAL E 112 -20.64 -6.45 35.27
CA VAL E 112 -20.92 -6.23 33.86
C VAL E 112 -19.62 -5.77 33.18
N VAL E 113 -19.13 -6.60 32.27
CA VAL E 113 -17.83 -6.40 31.65
C VAL E 113 -17.93 -5.39 30.50
N SER E 114 -18.89 -5.60 29.62
CA SER E 114 -19.07 -4.74 28.47
C SER E 114 -20.48 -4.92 27.95
N THR E 115 -21.04 -3.84 27.46
CA THR E 115 -22.35 -3.92 26.81
C THR E 115 -22.54 -2.70 25.95
N ASN E 116 -23.33 -2.82 24.91
CA ASN E 116 -23.84 -1.64 24.23
C ASN E 116 -25.33 -1.46 24.46
N TYR E 117 -25.88 -2.23 25.42
CA TYR E 117 -27.22 -2.07 25.97
C TYR E 117 -28.37 -2.48 25.04
N ASN E 118 -28.27 -2.16 23.75
CA ASN E 118 -29.37 -2.46 22.86
C ASN E 118 -29.13 -3.69 21.98
N GLN E 119 -27.97 -4.36 22.13
CA GLN E 119 -27.72 -5.59 21.36
C GLN E 119 -27.10 -6.70 22.18
N HIS E 120 -26.02 -6.39 22.87
CA HIS E 120 -25.25 -7.43 23.52
C HIS E 120 -24.60 -6.98 24.82
N ALA E 121 -24.24 -7.98 25.62
CA ALA E 121 -23.54 -7.73 26.88
C ALA E 121 -22.72 -8.95 27.24
N MET E 122 -21.62 -8.72 27.96
CA MET E 122 -20.91 -9.79 28.60
C MET E 122 -20.85 -9.47 30.08
N VAL E 123 -21.20 -10.47 30.88
CA VAL E 123 -21.29 -10.32 32.33
C VAL E 123 -20.57 -11.47 33.03
N PHE E 124 -19.73 -11.08 33.99
CA PHE E 124 -18.88 -11.99 34.73
C PHE E 124 -19.57 -12.30 36.06
N PHE E 125 -19.57 -13.57 36.42
CA PHE E 125 -20.12 -14.01 37.69
C PHE E 125 -19.08 -14.86 38.39
N LYS E 126 -18.97 -14.64 39.69
CA LYS E 126 -18.06 -15.44 40.50
C LYS E 126 -18.76 -15.80 41.79
N LYS E 127 -18.65 -17.06 42.16
CA LYS E 127 -19.35 -17.57 43.32
C LYS E 127 -18.44 -18.51 44.07
N VAL E 128 -18.46 -18.40 45.38
CA VAL E 128 -17.77 -19.34 46.25
C VAL E 128 -18.80 -20.13 47.02
N SER E 129 -18.78 -21.44 46.81
CA SER E 129 -19.82 -22.34 47.33
C SER E 129 -19.12 -23.56 47.86
N GLN E 130 -19.35 -23.86 49.13
CA GLN E 130 -18.54 -24.85 49.85
C GLN E 130 -17.04 -24.67 49.69
N ASN E 131 -16.60 -23.41 49.63
CA ASN E 131 -15.17 -23.06 49.49
C ASN E 131 -14.59 -23.27 48.09
N ARG E 132 -15.41 -23.73 47.17
CA ARG E 132 -14.99 -23.82 45.78
C ARG E 132 -15.35 -22.55 45.01
N GLU E 133 -14.42 -22.11 44.19
CA GLU E 133 -14.61 -20.88 43.44
C GLU E 133 -14.96 -21.11 41.96
N TYR E 134 -16.21 -20.81 41.63
CA TYR E 134 -16.76 -20.99 40.30
C TYR E 134 -16.81 -19.62 39.63
N PHE E 135 -16.53 -19.59 38.33
CA PHE E 135 -16.74 -18.38 37.59
C PHE E 135 -17.30 -18.69 36.21
N LYS E 136 -18.07 -17.75 35.70
CA LYS E 136 -18.54 -17.82 34.35
C LYS E 136 -18.65 -16.45 33.74
N ILE E 137 -18.63 -16.45 32.40
CA ILE E 137 -18.97 -15.28 31.62
C ILE E 137 -20.18 -15.64 30.79
N THR E 138 -21.18 -14.77 30.84
CA THR E 138 -22.40 -14.94 30.10
C THR E 138 -22.43 -13.91 29.00
N LEU E 139 -22.67 -14.37 27.78
CA LEU E 139 -22.92 -13.51 26.65
C LEU E 139 -24.42 -13.38 26.40
N TYR E 140 -24.92 -12.18 26.63
CA TYR E 140 -26.33 -11.88 26.47
C TYR E 140 -26.56 -11.20 25.13
N GLY E 141 -27.70 -11.51 24.51
CA GLY E 141 -28.19 -10.77 23.32
C GLY E 141 -29.62 -10.32 23.52
N ARG E 142 -29.96 -9.18 22.92
CA ARG E 142 -31.36 -8.73 22.92
C ARG E 142 -32.24 -9.57 22.00
N THR E 143 -31.61 -10.24 21.04
CA THR E 143 -32.29 -11.29 20.28
C THR E 143 -31.55 -12.63 20.51
N LYS E 144 -32.06 -13.70 19.90
CA LYS E 144 -31.51 -15.04 20.11
C LYS E 144 -30.25 -15.31 19.30
N GLU E 145 -29.95 -14.42 18.36
CA GLU E 145 -28.75 -14.55 17.52
C GLU E 145 -27.79 -13.41 17.79
N LEU E 146 -26.49 -13.65 17.68
CA LEU E 146 -25.54 -12.55 17.55
C LEU E 146 -24.54 -12.84 16.44
N THR E 147 -23.83 -11.79 16.02
CA THR E 147 -22.91 -11.92 14.93
C THR E 147 -21.76 -12.85 15.30
N SER E 148 -21.13 -13.43 14.28
CA SER E 148 -19.91 -14.19 14.47
C SER E 148 -18.86 -13.34 15.13
N GLU E 149 -18.78 -12.08 14.72
CA GLU E 149 -17.80 -11.19 15.29
C GLU E 149 -17.94 -11.12 16.81
N LEU E 150 -19.17 -10.97 17.29
CA LEU E 150 -19.39 -10.79 18.73
C LEU E 150 -19.13 -12.10 19.46
N LYS E 151 -19.52 -13.19 18.84
CA LYS E 151 -19.20 -14.49 19.38
C LYS E 151 -17.70 -14.75 19.45
N GLU E 152 -16.97 -14.38 18.41
CA GLU E 152 -15.50 -14.48 18.44
C GLU E 152 -14.87 -13.61 19.52
N ASN E 153 -15.38 -12.40 19.68
CA ASN E 153 -14.93 -11.55 20.80
C ASN E 153 -15.15 -12.21 22.17
N PHE E 154 -16.30 -12.86 22.33
CA PHE E 154 -16.61 -13.58 23.57
C PHE E 154 -15.66 -14.78 23.80
N ILE E 155 -15.38 -15.52 22.73
CA ILE E 155 -14.41 -16.61 22.82
C ILE E 155 -13.02 -16.10 23.20
N ARG E 156 -12.58 -15.03 22.52
CA ARG E 156 -11.29 -14.45 22.83
C ARG E 156 -11.22 -14.02 24.29
N PHE E 157 -12.24 -13.32 24.76
CA PHE E 157 -12.25 -12.90 26.16
C PHE E 157 -12.22 -14.11 27.11
N SER E 158 -13.03 -15.11 26.82
CA SER E 158 -13.07 -16.31 27.65
C SER E 158 -11.71 -16.98 27.73
N LYS E 159 -11.03 -17.09 26.60
CA LYS E 159 -9.69 -17.69 26.59
C LYS E 159 -8.68 -16.85 27.34
N SER E 160 -8.83 -15.53 27.32
CA SER E 160 -7.96 -14.67 28.13
C SER E 160 -8.10 -14.95 29.64
N LEU E 161 -9.21 -15.52 30.06
CA LEU E 161 -9.41 -15.85 31.48
C LEU E 161 -9.05 -17.32 31.79
N GLY E 162 -8.39 -17.99 30.85
CA GLY E 162 -7.87 -19.32 31.01
C GLY E 162 -8.80 -20.44 30.60
N LEU E 163 -9.90 -20.11 29.93
CA LEU E 163 -10.85 -21.11 29.55
C LEU E 163 -10.51 -21.71 28.16
N PRO E 164 -10.38 -23.04 28.07
CA PRO E 164 -10.28 -23.67 26.76
C PRO E 164 -11.62 -23.76 26.05
N GLU E 165 -11.57 -24.14 24.78
CA GLU E 165 -12.73 -24.06 23.90
C GLU E 165 -13.85 -24.99 24.38
N ASN E 166 -13.51 -26.11 24.99
CA ASN E 166 -14.55 -27.01 25.47
C ASN E 166 -15.26 -26.54 26.74
N HIS E 167 -14.83 -25.41 27.29
CA HIS E 167 -15.59 -24.77 28.38
C HIS E 167 -16.35 -23.54 27.91
N ILE E 168 -16.64 -23.49 26.62
CA ILE E 168 -17.41 -22.40 26.03
C ILE E 168 -18.50 -23.01 25.19
N VAL E 169 -19.73 -22.62 25.48
CA VAL E 169 -20.88 -23.18 24.84
C VAL E 169 -21.77 -22.06 24.29
N PHE E 170 -22.45 -22.36 23.18
CA PHE E 170 -23.44 -21.45 22.62
C PHE E 170 -24.80 -22.12 22.63
N PRO E 171 -25.62 -21.80 23.63
CA PRO E 171 -26.88 -22.50 23.77
C PRO E 171 -27.71 -22.42 22.51
N VAL E 172 -28.41 -23.50 22.22
CA VAL E 172 -29.23 -23.60 21.03
C VAL E 172 -30.54 -22.83 21.23
N PRO E 173 -30.88 -21.95 20.28
CA PRO E 173 -32.16 -21.22 20.37
C PRO E 173 -33.32 -22.19 20.48
N ILE E 174 -34.28 -21.88 21.34
CA ILE E 174 -35.53 -22.62 21.38
C ILE E 174 -36.67 -21.63 21.47
N ASP E 175 -37.90 -22.12 21.32
CA ASP E 175 -39.08 -21.27 21.38
C ASP E 175 -39.89 -21.46 22.66
N GLN E 176 -39.77 -22.62 23.30
CA GLN E 176 -40.54 -22.90 24.51
C GLN E 176 -40.09 -22.00 25.65
N CYS E 177 -41.07 -21.44 26.35
CA CYS E 177 -40.86 -20.71 27.61
C CYS E 177 -40.22 -19.34 27.48
N ILE E 178 -39.23 -19.20 26.61
CA ILE E 178 -38.37 -18.00 26.66
C ILE E 178 -38.83 -16.93 25.69
N ASP E 179 -39.91 -17.26 24.99
CA ASP E 179 -40.37 -16.57 23.79
C ASP E 179 -39.40 -16.62 22.63
N SER F 5 -50.66 7.86 -37.92
CA SER F 5 -50.39 7.84 -36.45
C SER F 5 -50.70 9.20 -35.82
N THR F 6 -51.26 9.16 -34.62
CA THR F 6 -51.19 10.28 -33.69
C THR F 6 -50.71 9.73 -32.36
N SER F 7 -49.87 10.49 -31.67
CA SER F 7 -49.51 10.16 -30.31
C SER F 7 -49.10 11.40 -29.53
N ASP F 8 -49.23 11.33 -28.21
CA ASP F 8 -49.01 12.49 -27.35
C ASP F 8 -47.99 12.09 -26.31
N LEU F 9 -46.87 12.81 -26.26
CA LEU F 9 -45.78 12.44 -25.41
C LEU F 9 -45.31 13.58 -24.51
N ILE F 10 -44.97 13.24 -23.28
CA ILE F 10 -44.26 14.19 -22.44
C ILE F 10 -42.94 14.55 -23.10
N PRO F 11 -42.63 15.85 -23.23
CA PRO F 11 -41.45 16.25 -24.01
C PRO F 11 -40.15 15.73 -23.40
N ALA F 12 -39.18 15.36 -24.23
CA ALA F 12 -37.85 15.05 -23.74
C ALA F 12 -37.28 16.28 -23.07
N PRO F 13 -36.58 16.10 -21.96
CA PRO F 13 -35.95 17.23 -21.34
C PRO F 13 -34.75 17.70 -22.17
N PRO F 14 -34.37 18.96 -22.05
CA PRO F 14 -33.08 19.34 -22.62
C PRO F 14 -31.92 18.58 -21.95
N LEU F 15 -30.89 18.29 -22.72
CA LEU F 15 -29.76 17.50 -22.22
C LEU F 15 -29.04 18.21 -21.09
N SER F 16 -29.20 19.53 -21.05
CA SER F 16 -28.69 20.31 -19.93
C SER F 16 -29.31 19.91 -18.58
N LYS F 17 -30.46 19.26 -18.57
CA LYS F 17 -31.03 18.78 -17.30
C LYS F 17 -30.61 17.36 -16.95
N VAL F 18 -29.79 16.75 -17.81
CA VAL F 18 -29.40 15.36 -17.59
C VAL F 18 -27.91 15.29 -17.29
N PRO F 19 -27.55 15.09 -16.02
CA PRO F 19 -26.14 15.00 -15.67
C PRO F 19 -25.39 13.86 -16.35
N LEU F 20 -24.08 14.04 -16.49
CA LEU F 20 -23.20 12.97 -16.91
C LEU F 20 -22.30 12.58 -15.75
N GLN F 21 -22.21 11.29 -15.45
CA GLN F 21 -21.31 10.82 -14.36
C GLN F 21 -19.88 11.32 -14.59
N GLN F 22 -19.29 11.97 -13.57
CA GLN F 22 -17.92 12.47 -13.64
C GLN F 22 -16.98 11.33 -13.89
N ASN F 23 -16.00 11.54 -14.76
CA ASN F 23 -14.89 10.63 -14.87
C ASN F 23 -15.36 9.18 -14.97
N PHE F 24 -16.22 8.92 -15.96
CA PHE F 24 -16.80 7.60 -16.10
C PHE F 24 -15.72 6.54 -16.29
N GLN F 25 -15.87 5.44 -15.57
CA GLN F 25 -14.89 4.36 -15.55
C GLN F 25 -15.48 3.14 -16.27
N ASP F 26 -15.14 2.98 -17.54
CA ASP F 26 -15.85 2.02 -18.37
C ASP F 26 -15.64 0.55 -17.91
N ASN F 27 -14.47 0.26 -17.35
CA ASN F 27 -14.18 -1.07 -16.88
C ASN F 27 -15.00 -1.42 -15.63
N GLN F 28 -15.16 -0.45 -14.73
CA GLN F 28 -15.91 -0.69 -13.50
C GLN F 28 -17.42 -0.83 -13.78
N PHE F 29 -17.90 -0.27 -14.88
CA PHE F 29 -19.31 -0.32 -15.24
C PHE F 29 -19.74 -1.62 -15.85
N GLN F 30 -18.79 -2.42 -16.34
CA GLN F 30 -19.17 -3.57 -17.13
C GLN F 30 -19.76 -4.67 -16.24
N GLY F 31 -20.32 -5.70 -16.88
CA GLY F 31 -20.92 -6.84 -16.18
C GLY F 31 -22.44 -6.78 -16.18
N LYS F 32 -23.05 -7.53 -15.28
CA LYS F 32 -24.50 -7.66 -15.26
C LYS F 32 -25.11 -6.60 -14.36
N TRP F 33 -26.17 -5.98 -14.87
CA TRP F 33 -27.03 -5.11 -14.10
C TRP F 33 -28.48 -5.59 -14.23
N TYR F 34 -29.24 -5.49 -13.14
CA TYR F 34 -30.68 -5.73 -13.20
C TYR F 34 -31.42 -4.41 -13.36
N VAL F 35 -32.49 -4.43 -14.13
CA VAL F 35 -33.31 -3.24 -14.27
C VAL F 35 -34.33 -3.20 -13.15
N VAL F 36 -34.03 -2.37 -12.16
CA VAL F 36 -34.80 -2.31 -10.93
C VAL F 36 -35.83 -1.19 -10.98
N GLY F 37 -35.62 -0.21 -11.87
CA GLY F 37 -36.57 0.88 -12.05
C GLY F 37 -36.53 1.39 -13.48
N LEU F 38 -37.67 1.82 -13.97
CA LEU F 38 -37.82 2.42 -15.30
C LEU F 38 -38.73 3.62 -15.21
N ALA F 39 -38.35 4.70 -15.88
CA ALA F 39 -39.21 5.86 -15.99
C ALA F 39 -39.05 6.43 -17.39
N GLY F 40 -40.12 6.95 -17.95
CA GLY F 40 -40.02 7.54 -19.26
C GLY F 40 -41.34 7.95 -19.85
N ASN F 41 -41.28 8.60 -21.00
CA ASN F 41 -42.49 9.07 -21.59
C ASN F 41 -43.24 7.99 -22.34
N ALA F 42 -42.67 6.80 -22.47
CA ALA F 42 -43.45 5.66 -22.94
C ALA F 42 -43.48 4.57 -21.89
N ILE F 43 -43.25 4.92 -20.64
CA ILE F 43 -43.46 4.00 -19.54
C ILE F 43 -44.77 4.35 -18.89
N LEU F 44 -45.60 3.33 -18.65
CA LEU F 44 -46.87 3.53 -17.99
C LEU F 44 -47.14 2.42 -16.99
N ARG F 45 -47.34 2.81 -15.73
CA ARG F 45 -47.57 1.86 -14.65
C ARG F 45 -48.89 1.14 -14.88
N GLU F 46 -48.84 -0.19 -14.92
CA GLU F 46 -50.02 -1.02 -15.21
C GLU F 46 -50.22 -2.12 -14.14
N ASP F 47 -51.08 -1.84 -13.16
CA ASP F 47 -51.40 -2.79 -12.09
C ASP F 47 -51.80 -4.17 -12.64
N LYS F 48 -52.55 -4.19 -13.74
CA LYS F 48 -53.08 -5.43 -14.29
C LYS F 48 -51.97 -6.39 -14.70
N ASP F 49 -50.99 -5.89 -15.44
CA ASP F 49 -50.02 -6.74 -16.12
C ASP F 49 -48.60 -6.25 -15.85
N PRO F 50 -48.08 -6.50 -14.64
CA PRO F 50 -46.93 -5.75 -14.15
C PRO F 50 -45.69 -6.04 -14.98
N GLN F 51 -44.83 -5.04 -15.10
CA GLN F 51 -43.55 -5.22 -15.77
C GLN F 51 -42.64 -6.18 -14.99
N LYS F 52 -42.10 -7.16 -15.69
CA LYS F 52 -41.15 -8.09 -15.09
C LYS F 52 -39.74 -7.57 -15.23
N MET F 53 -38.93 -7.84 -14.21
CA MET F 53 -37.53 -7.44 -14.23
C MET F 53 -36.82 -8.12 -15.39
N TYR F 54 -35.88 -7.41 -16.01
CA TYR F 54 -34.94 -8.03 -16.91
C TYR F 54 -33.53 -7.61 -16.56
N ALA F 55 -32.56 -8.20 -17.23
CA ALA F 55 -31.16 -7.94 -16.93
C ALA F 55 -30.45 -7.48 -18.19
N THR F 56 -29.42 -6.67 -18.00
CA THR F 56 -28.62 -6.21 -19.10
C THR F 56 -27.14 -6.37 -18.75
N ILE F 57 -26.39 -7.01 -19.65
CA ILE F 57 -24.97 -7.25 -19.48
C ILE F 57 -24.15 -6.39 -20.44
N TYR F 58 -23.22 -5.63 -19.86
CA TYR F 58 -22.32 -4.78 -20.60
C TYR F 58 -20.94 -5.47 -20.64
N GLU F 59 -20.48 -5.86 -21.82
CA GLU F 59 -19.12 -6.39 -21.95
C GLU F 59 -18.25 -5.40 -22.68
N LEU F 60 -17.18 -4.96 -22.02
CA LEU F 60 -16.33 -3.92 -22.59
C LEU F 60 -15.41 -4.61 -23.57
N LYS F 61 -15.40 -4.14 -24.81
CA LYS F 61 -14.55 -4.75 -25.80
C LYS F 61 -13.19 -4.07 -25.85
N GLU F 62 -12.28 -4.71 -26.58
CA GLU F 62 -10.95 -4.18 -26.82
C GLU F 62 -11.02 -2.73 -27.26
N ASP F 63 -11.89 -2.43 -28.22
CA ASP F 63 -11.97 -1.08 -28.80
C ASP F 63 -12.78 -0.10 -27.96
N LYS F 64 -13.17 -0.54 -26.75
CA LYS F 64 -13.86 0.31 -25.79
C LYS F 64 -15.32 0.58 -26.09
N SER F 65 -15.85 -0.02 -27.13
CA SER F 65 -17.30 -0.18 -27.22
C SER F 65 -17.77 -1.24 -26.24
N TYR F 66 -19.08 -1.25 -25.96
CA TYR F 66 -19.69 -2.34 -25.21
C TYR F 66 -20.50 -3.23 -26.15
N ASN F 67 -20.38 -4.53 -25.95
CA ASN F 67 -21.41 -5.47 -26.37
C ASN F 67 -22.47 -5.57 -25.28
N VAL F 68 -23.72 -5.24 -25.61
CA VAL F 68 -24.77 -5.06 -24.61
C VAL F 68 -25.88 -6.05 -24.89
N THR F 69 -26.14 -6.93 -23.91
CA THR F 69 -27.13 -7.98 -24.08
C THR F 69 -28.20 -7.83 -23.00
N SER F 70 -29.46 -7.66 -23.43
CA SER F 70 -30.56 -7.70 -22.49
C SER F 70 -31.28 -9.02 -22.63
N VAL F 71 -31.66 -9.58 -21.49
CA VAL F 71 -32.42 -10.81 -21.48
C VAL F 71 -33.75 -10.63 -20.74
N LEU F 72 -34.84 -10.91 -21.43
CA LEU F 72 -36.18 -10.72 -20.90
C LEU F 72 -36.91 -12.03 -20.93
N PHE F 73 -37.81 -12.23 -19.98
CA PHE F 73 -38.68 -13.39 -19.98
C PHE F 73 -40.02 -12.98 -20.56
N ARG F 74 -40.32 -13.46 -21.76
CA ARG F 74 -41.59 -13.14 -22.41
C ARG F 74 -42.15 -14.34 -23.13
N LYS F 75 -43.47 -14.53 -22.97
CA LYS F 75 -44.19 -15.61 -23.62
C LYS F 75 -43.49 -16.93 -23.33
N LYS F 76 -43.07 -17.10 -22.08
CA LYS F 76 -42.48 -18.35 -21.61
C LYS F 76 -41.07 -18.62 -22.17
N LYS F 77 -40.50 -17.64 -22.85
CA LYS F 77 -39.16 -17.80 -23.42
C LYS F 77 -38.22 -16.72 -22.98
N CYS F 78 -36.91 -16.99 -23.12
CA CYS F 78 -35.89 -15.98 -22.92
C CYS F 78 -35.68 -15.22 -24.23
N ASP F 79 -35.86 -13.91 -24.16
CA ASP F 79 -35.77 -13.05 -25.33
C ASP F 79 -34.50 -12.24 -25.14
N TYR F 80 -33.62 -12.25 -26.14
CA TYR F 80 -32.31 -11.61 -26.02
C TYR F 80 -32.22 -10.52 -27.05
N TRP F 81 -31.84 -9.33 -26.61
CA TRP F 81 -31.47 -8.29 -27.53
C TRP F 81 -30.02 -7.92 -27.36
N ILE F 82 -29.26 -8.17 -28.41
CA ILE F 82 -27.82 -7.90 -28.40
C ILE F 82 -27.59 -6.71 -29.32
N ARG F 83 -26.89 -5.70 -28.82
CA ARG F 83 -26.52 -4.54 -29.62
C ARG F 83 -25.19 -3.99 -29.13
N THR F 84 -24.65 -3.02 -29.87
CA THR F 84 -23.35 -2.44 -29.55
C THR F 84 -23.55 -0.99 -29.14
N PHE F 85 -22.92 -0.58 -28.04
CA PHE F 85 -22.83 0.83 -27.67
C PHE F 85 -21.42 1.33 -28.00
N VAL F 86 -21.35 2.33 -28.87
CA VAL F 86 -20.11 2.88 -29.34
C VAL F 86 -19.88 4.19 -28.57
N PRO F 87 -18.67 4.40 -28.06
CA PRO F 87 -18.39 5.62 -27.31
C PRO F 87 -18.71 6.88 -28.07
N GLY F 88 -19.35 7.82 -27.39
CA GLY F 88 -19.73 9.08 -27.98
C GLY F 88 -18.75 10.19 -27.68
N SER F 89 -19.28 11.40 -27.50
CA SER F 89 -18.49 12.62 -27.38
C SER F 89 -17.72 12.75 -26.06
N GLN F 90 -18.27 12.18 -25.01
CA GLN F 90 -17.69 12.27 -23.69
C GLN F 90 -17.76 10.89 -23.05
N PRO F 91 -16.78 10.57 -22.19
CA PRO F 91 -16.87 9.32 -21.46
C PRO F 91 -18.19 9.17 -20.70
N GLY F 92 -18.84 8.03 -20.89
CA GLY F 92 -20.12 7.77 -20.29
C GLY F 92 -21.30 8.04 -21.21
N GLU F 93 -21.00 8.55 -22.40
CA GLU F 93 -22.00 8.66 -23.45
C GLU F 93 -21.73 7.69 -24.57
N PHE F 94 -22.82 7.22 -25.17
CA PHE F 94 -22.73 6.22 -26.24
C PHE F 94 -23.85 6.44 -27.24
N THR F 95 -23.66 5.88 -28.44
CA THR F 95 -24.81 5.60 -29.31
C THR F 95 -24.75 4.16 -29.75
N LEU F 96 -25.75 3.82 -30.54
CA LEU F 96 -25.92 2.50 -31.03
C LEU F 96 -25.00 2.26 -32.23
N GLY F 97 -24.19 1.22 -32.17
CA GLY F 97 -23.45 0.78 -33.35
C GLY F 97 -24.36 0.39 -34.48
N ASN F 98 -23.90 0.58 -35.70
CA ASN F 98 -24.71 0.22 -36.87
CA ASN F 98 -24.70 0.20 -36.85
C ASN F 98 -26.13 0.77 -36.74
N ILE F 99 -26.23 2.03 -36.32
CA ILE F 99 -27.53 2.63 -36.06
C ILE F 99 -28.40 2.63 -37.33
N LYS F 100 -27.74 2.72 -38.49
CA LYS F 100 -28.41 2.76 -39.77
C LYS F 100 -29.09 1.45 -40.13
N SER F 101 -28.78 0.39 -39.41
CA SER F 101 -29.39 -0.91 -39.67
C SER F 101 -30.75 -1.09 -38.96
N TYR F 102 -31.17 -0.10 -38.17
CA TYR F 102 -32.46 -0.19 -37.48
C TYR F 102 -33.53 0.63 -38.19
N PRO F 103 -34.52 -0.02 -38.81
CA PRO F 103 -35.48 0.74 -39.62
C PRO F 103 -36.29 1.77 -38.82
N GLY F 104 -36.42 2.97 -39.37
CA GLY F 104 -37.24 4.00 -38.72
C GLY F 104 -36.52 4.78 -37.63
N LEU F 105 -35.42 4.22 -37.13
CA LEU F 105 -34.67 4.87 -36.08
C LEU F 105 -33.79 5.94 -36.67
N THR F 106 -33.86 7.17 -36.16
CA THR F 106 -32.96 8.18 -36.69
C THR F 106 -31.93 8.67 -35.68
N SER F 107 -32.22 8.61 -34.39
CA SER F 107 -31.20 8.95 -33.41
C SER F 107 -31.34 8.17 -32.15
N TYR F 108 -30.22 7.96 -31.45
CA TYR F 108 -30.20 7.17 -30.25
C TYR F 108 -29.03 7.67 -29.43
N LEU F 109 -29.29 7.98 -28.17
CA LEU F 109 -28.27 8.46 -27.27
C LEU F 109 -28.38 7.80 -25.92
N VAL F 110 -27.23 7.45 -25.36
CA VAL F 110 -27.12 6.88 -24.01
C VAL F 110 -26.22 7.78 -23.19
N ARG F 111 -26.67 8.15 -21.99
CA ARG F 111 -25.84 8.94 -21.09
C ARG F 111 -25.93 8.37 -19.68
N VAL F 112 -24.80 7.93 -19.17
CA VAL F 112 -24.74 7.45 -17.79
C VAL F 112 -24.79 8.66 -16.87
N VAL F 113 -25.86 8.75 -16.09
CA VAL F 113 -26.13 9.91 -15.27
C VAL F 113 -25.35 9.84 -13.98
N SER F 114 -25.39 8.67 -13.34
CA SER F 114 -24.74 8.49 -12.05
C SER F 114 -24.58 7.00 -11.81
N THR F 115 -23.50 6.62 -11.13
CA THR F 115 -23.32 5.24 -10.70
C THR F 115 -22.25 5.20 -9.63
N ASN F 116 -22.34 4.22 -8.74
CA ASN F 116 -21.21 3.87 -7.89
C ASN F 116 -20.60 2.54 -8.28
N TYR F 117 -20.97 2.05 -9.46
CA TYR F 117 -20.35 0.91 -10.15
C TYR F 117 -20.62 -0.46 -9.53
N ASN F 118 -20.55 -0.53 -8.21
CA ASN F 118 -20.69 -1.81 -7.54
C ASN F 118 -22.05 -2.02 -6.88
N GLN F 119 -22.97 -1.06 -6.99
CA GLN F 119 -24.34 -1.26 -6.50
C GLN F 119 -25.45 -0.77 -7.43
N HIS F 120 -25.33 0.47 -7.88
CA HIS F 120 -26.41 1.06 -8.64
C HIS F 120 -25.93 2.01 -9.74
N ALA F 121 -26.82 2.26 -10.69
CA ALA F 121 -26.58 3.23 -11.75
C ALA F 121 -27.90 3.78 -12.25
N MET F 122 -27.87 5.02 -12.73
CA MET F 122 -28.99 5.56 -13.49
C MET F 122 -28.45 5.96 -14.84
N VAL F 123 -29.16 5.53 -15.88
CA VAL F 123 -28.76 5.78 -17.26
C VAL F 123 -29.93 6.32 -18.06
N PHE F 124 -29.65 7.40 -18.80
CA PHE F 124 -30.62 8.12 -19.59
C PHE F 124 -30.50 7.67 -21.04
N PHE F 125 -31.65 7.44 -21.68
CA PHE F 125 -31.71 7.03 -23.07
C PHE F 125 -32.69 7.92 -23.81
N LYS F 126 -32.31 8.33 -25.01
CA LYS F 126 -33.18 9.10 -25.84
C LYS F 126 -33.14 8.56 -27.24
N LYS F 127 -34.31 8.47 -27.87
CA LYS F 127 -34.41 7.90 -29.19
C LYS F 127 -35.43 8.66 -30.01
N VAL F 128 -35.12 8.87 -31.28
CA VAL F 128 -36.07 9.47 -32.21
C VAL F 128 -36.41 8.44 -33.24
N SER F 129 -37.69 8.14 -33.31
CA SER F 129 -38.20 7.10 -34.17
C SER F 129 -39.48 7.65 -34.81
N GLN F 130 -39.51 7.70 -36.14
CA GLN F 130 -40.60 8.38 -36.87
C GLN F 130 -40.84 9.82 -36.43
N ASN F 131 -39.77 10.52 -36.12
CA ASN F 131 -39.82 11.89 -35.63
C ASN F 131 -40.40 12.05 -34.22
N ARG F 132 -40.72 10.94 -33.56
CA ARG F 132 -41.18 10.98 -32.18
C ARG F 132 -40.00 10.79 -31.26
N GLU F 133 -39.94 11.63 -30.24
CA GLU F 133 -38.84 11.60 -29.32
C GLU F 133 -39.20 10.92 -28.00
N TYR F 134 -38.61 9.74 -27.80
CA TYR F 134 -38.83 8.95 -26.61
C TYR F 134 -37.64 9.10 -25.69
N PHE F 135 -37.90 9.17 -24.39
CA PHE F 135 -36.81 9.09 -23.42
C PHE F 135 -37.16 8.20 -22.25
N LYS F 136 -36.13 7.61 -21.67
CA LYS F 136 -36.29 6.91 -20.41
C LYS F 136 -35.07 7.05 -19.53
N ILE F 137 -35.29 6.83 -18.23
CA ILE F 137 -34.23 6.64 -17.28
C ILE F 137 -34.37 5.24 -16.72
N THR F 138 -33.25 4.51 -16.76
CA THR F 138 -33.20 3.17 -16.27
C THR F 138 -32.40 3.19 -14.97
N LEU F 139 -32.98 2.63 -13.93
CA LEU F 139 -32.30 2.41 -12.67
C LEU F 139 -31.81 0.98 -12.61
N TYR F 140 -30.48 0.83 -12.63
CA TYR F 140 -29.83 -0.47 -12.62
C TYR F 140 -29.32 -0.79 -11.21
N GLY F 141 -29.42 -2.06 -10.83
CA GLY F 141 -28.82 -2.55 -9.58
C GLY F 141 -27.94 -3.76 -9.87
N ARG F 142 -26.87 -3.92 -9.10
CA ARG F 142 -26.07 -5.13 -9.22
C ARG F 142 -26.81 -6.35 -8.66
N THR F 143 -27.79 -6.10 -7.78
CA THR F 143 -28.71 -7.13 -7.34
C THR F 143 -30.13 -6.72 -7.72
N LYS F 144 -31.10 -7.57 -7.42
CA LYS F 144 -32.47 -7.35 -7.86
C LYS F 144 -33.23 -6.38 -6.97
N GLU F 145 -32.65 -6.03 -5.83
CA GLU F 145 -33.26 -5.09 -4.89
C GLU F 145 -32.41 -3.83 -4.78
N LEU F 146 -33.04 -2.69 -4.53
CA LEU F 146 -32.29 -1.54 -4.02
C LEU F 146 -33.01 -0.85 -2.87
N THR F 147 -32.28 0.00 -2.14
CA THR F 147 -32.83 0.67 -0.98
C THR F 147 -33.93 1.65 -1.38
N SER F 148 -34.81 1.95 -0.43
CA SER F 148 -35.82 2.98 -0.63
C SER F 148 -35.18 4.33 -0.91
N GLU F 149 -34.07 4.61 -0.23
CA GLU F 149 -33.33 5.84 -0.49
C GLU F 149 -32.98 5.97 -1.97
N LEU F 150 -32.48 4.90 -2.58
CA LEU F 150 -32.04 4.97 -3.98
C LEU F 150 -33.22 5.05 -4.91
N LYS F 151 -34.28 4.34 -4.57
CA LYS F 151 -35.50 4.44 -5.34
C LYS F 151 -36.11 5.84 -5.27
N GLU F 152 -36.09 6.47 -4.10
CA GLU F 152 -36.57 7.84 -3.96
C GLU F 152 -35.72 8.84 -4.72
N ASN F 153 -34.40 8.65 -4.72
CA ASN F 153 -33.54 9.48 -5.57
CA ASN F 153 -33.52 9.47 -5.57
C ASN F 153 -33.89 9.36 -7.06
N PHE F 154 -34.18 8.13 -7.49
CA PHE F 154 -34.57 7.86 -8.87
C PHE F 154 -35.90 8.54 -9.17
N ILE F 155 -36.86 8.47 -8.25
CA ILE F 155 -38.17 9.10 -8.45
C ILE F 155 -38.02 10.62 -8.51
N ARG F 156 -37.23 11.19 -7.60
CA ARG F 156 -36.96 12.62 -7.62
C ARG F 156 -36.31 13.05 -8.95
N PHE F 157 -35.31 12.30 -9.40
CA PHE F 157 -34.64 12.65 -10.67
C PHE F 157 -35.63 12.56 -11.86
N SER F 158 -36.42 11.48 -11.89
CA SER F 158 -37.41 11.32 -12.93
C SER F 158 -38.38 12.48 -12.97
N LYS F 159 -38.87 12.90 -11.80
CA LYS F 159 -39.78 14.02 -11.74
C LYS F 159 -39.11 15.33 -12.18
N SER F 160 -37.82 15.49 -11.91
CA SER F 160 -37.10 16.68 -12.39
C SER F 160 -37.08 16.75 -13.92
N LEU F 161 -37.28 15.62 -14.59
CA LEU F 161 -37.34 15.59 -16.06
C LEU F 161 -38.78 15.64 -16.58
N GLY F 162 -39.72 15.94 -15.70
CA GLY F 162 -41.12 16.14 -16.09
C GLY F 162 -41.99 14.89 -16.04
N LEU F 163 -41.50 13.81 -15.43
CA LEU F 163 -42.28 12.58 -15.40
C LEU F 163 -43.10 12.47 -14.12
N PRO F 164 -44.42 12.24 -14.25
CA PRO F 164 -45.23 11.97 -13.08
C PRO F 164 -45.07 10.53 -12.64
N GLU F 165 -45.62 10.23 -11.47
CA GLU F 165 -45.35 8.99 -10.77
C GLU F 165 -45.89 7.79 -11.56
N ASN F 166 -46.95 7.98 -12.31
CA ASN F 166 -47.50 6.87 -13.09
C ASN F 166 -46.68 6.55 -14.36
N HIS F 167 -45.62 7.32 -14.61
CA HIS F 167 -44.65 6.95 -15.66
C HIS F 167 -43.36 6.40 -15.09
N ILE F 168 -43.44 5.89 -13.87
CA ILE F 168 -42.31 5.30 -13.19
C ILE F 168 -42.74 3.93 -12.70
N VAL F 169 -42.00 2.91 -13.07
CA VAL F 169 -42.33 1.57 -12.61
C VAL F 169 -41.12 0.90 -12.03
N PHE F 170 -41.39 -0.03 -11.13
CA PHE F 170 -40.34 -0.83 -10.54
C PHE F 170 -40.57 -2.29 -10.88
N PRO F 171 -39.90 -2.78 -11.92
CA PRO F 171 -40.17 -4.14 -12.35
C PRO F 171 -40.06 -5.17 -11.23
N VAL F 172 -40.93 -6.17 -11.28
CA VAL F 172 -41.00 -7.21 -10.27
C VAL F 172 -39.86 -8.21 -10.51
N PRO F 173 -39.06 -8.47 -9.47
CA PRO F 173 -38.03 -9.50 -9.57
C PRO F 173 -38.59 -10.83 -10.06
N ILE F 174 -37.87 -11.49 -10.95
CA ILE F 174 -38.20 -12.86 -11.35
C ILE F 174 -36.92 -13.68 -11.40
N ASP F 175 -37.06 -15.00 -11.54
CA ASP F 175 -35.91 -15.89 -11.60
C ASP F 175 -35.65 -16.44 -13.01
N GLN F 176 -36.68 -16.50 -13.84
CA GLN F 176 -36.53 -17.05 -15.19
C GLN F 176 -35.63 -16.17 -16.06
N CYS F 177 -34.71 -16.81 -16.78
CA CYS F 177 -33.87 -16.19 -17.79
C CYS F 177 -32.76 -15.28 -17.26
N ILE F 178 -33.02 -14.49 -16.23
CA ILE F 178 -32.14 -13.38 -15.89
C ILE F 178 -31.07 -13.71 -14.85
N ASP F 179 -31.00 -14.99 -14.46
CA ASP F 179 -30.04 -15.46 -13.48
C ASP F 179 -29.03 -16.46 -14.06
#